data_3N0G
#
_entry.id   3N0G
#
_cell.length_a   155.014
_cell.length_b   155.014
_cell.length_c   143.744
_cell.angle_alpha   90.00
_cell.angle_beta   90.00
_cell.angle_gamma   90.00
#
_symmetry.space_group_name_H-M   'P 43 21 2'
#
loop_
_entity.id
_entity.type
_entity.pdbx_description
1 polymer 'Isoprene synthase'
2 non-polymer 'DIMETHYLALLYL S-THIOLODIPHOSPHATE'
3 non-polymer 'MAGNESIUM ION'
4 water water
#
_entity_poly.entity_id   1
_entity_poly.type   'polypeptide(L)'
_entity_poly.pdbx_seq_one_letter_code
;MRGSHHHHHHGSEARRSADYEPNSWDYDFLLSSDTDESIEVYKDKAKKLEAEVRREINNEKAEFLTLLELIDNVQRLGLG
YRFESDIRRALDRFVSSGGFDGVTKTSLHATALSFRLLRQHGFEVSQEAFSGFKDQNGNFLENLKEDTKAILSLYEASFL
ALEGENILDEARVFAISHLKELSEEKIGKELAEQVNHALELPLHRRTQRLEAVWSIEAYRKKEDANQVLLELAILDYNMI
QSVYQRDLRETSRWWRRVGLATKLHFARDRLIESFYWAVGVAFEPQYSDCRNSVAKMFSFVTIIDDIYDVYGTLDELELF
TDAVERWDVNAINDLPDYMKLCFLALYNTINEIAYDNLKDKGENILPYLTKAWADLCNAFLQEAKWLYNKSTPTFDDYFG
NAWKSSSGPLQLIFAYFAVVQNIKKEEIENLQKYHDIISRPSHIFRLCNDLASASAEIARGETANSVSCYMRTKGISEEL
ATESVMNLIDETWKKMNKEKLGGSLFAKPFVETAINLARQSHCTYHNGDAHTSPDELTRKRVLSVITEPILPFER
;
_entity_poly.pdbx_strand_id   A,B
#
# COMPACT_ATOMS: atom_id res chain seq x y z
N ASN A 23 -40.91 19.11 7.34
CA ASN A 23 -39.47 18.72 7.37
C ASN A 23 -38.59 19.85 7.91
N SER A 24 -37.33 19.52 8.18
CA SER A 24 -36.35 20.47 8.70
C SER A 24 -35.83 21.44 7.64
N TRP A 25 -36.28 21.27 6.40
CA TRP A 25 -35.86 22.14 5.31
C TRP A 25 -37.02 22.63 4.45
N ASP A 26 -38.25 22.45 4.91
CA ASP A 26 -39.40 22.90 4.15
C ASP A 26 -39.49 24.42 4.09
N TYR A 27 -40.22 24.93 3.10
CA TYR A 27 -40.38 26.36 2.91
C TYR A 27 -41.29 27.03 3.95
N ASP A 28 -41.44 26.36 5.08
CA ASP A 28 -42.25 26.85 6.19
C ASP A 28 -41.35 26.96 7.43
N PHE A 29 -40.60 25.89 7.72
CA PHE A 29 -39.69 25.89 8.86
C PHE A 29 -38.58 26.90 8.66
N LEU A 30 -38.19 27.10 7.40
CA LEU A 30 -37.11 28.01 7.05
C LEU A 30 -37.58 29.34 6.46
N LEU A 31 -38.28 29.27 5.34
CA LEU A 31 -38.77 30.46 4.65
C LEU A 31 -39.52 31.42 5.59
N SER A 32 -40.80 31.13 5.84
CA SER A 32 -41.61 31.96 6.71
C SER A 32 -41.85 31.30 8.05
N VAL A 41 -45.57 37.39 -0.96
CA VAL A 41 -45.19 36.21 -0.19
C VAL A 41 -44.37 35.25 -1.04
N TYR A 42 -43.11 35.06 -0.67
CA TYR A 42 -42.22 34.17 -1.41
C TYR A 42 -42.53 32.73 -1.03
N LYS A 43 -42.79 32.51 0.26
CA LYS A 43 -43.11 31.20 0.79
C LYS A 43 -44.08 30.47 -0.13
N ASP A 44 -45.06 31.21 -0.64
CA ASP A 44 -46.08 30.66 -1.52
C ASP A 44 -45.56 30.36 -2.92
N LYS A 45 -44.64 31.19 -3.42
CA LYS A 45 -44.09 30.98 -4.76
C LYS A 45 -43.22 29.72 -4.76
N ALA A 46 -42.52 29.50 -3.64
CA ALA A 46 -41.66 28.35 -3.51
C ALA A 46 -42.48 27.07 -3.46
N LYS A 47 -43.52 27.06 -2.63
CA LYS A 47 -44.36 25.89 -2.50
C LYS A 47 -44.95 25.44 -3.84
N LYS A 48 -45.50 26.40 -4.59
CA LYS A 48 -46.13 26.11 -5.88
C LYS A 48 -45.14 25.45 -6.86
N LEU A 49 -43.95 26.06 -6.95
CA LEU A 49 -42.89 25.57 -7.82
C LEU A 49 -42.37 24.21 -7.34
N GLU A 50 -42.16 24.08 -6.05
CA GLU A 50 -41.67 22.84 -5.51
C GLU A 50 -42.64 21.72 -5.81
N ALA A 51 -43.92 21.98 -5.61
CA ALA A 51 -44.93 20.96 -5.88
C ALA A 51 -44.93 20.54 -7.33
N GLU A 52 -44.79 21.50 -8.23
CA GLU A 52 -44.80 21.21 -9.64
C GLU A 52 -43.69 20.25 -10.02
N VAL A 53 -42.51 20.46 -9.45
CA VAL A 53 -41.36 19.61 -9.71
C VAL A 53 -41.61 18.20 -9.17
N ARG A 54 -42.21 18.11 -7.98
CA ARG A 54 -42.47 16.80 -7.39
C ARG A 54 -43.32 15.96 -8.32
N ARG A 55 -44.37 16.60 -8.83
CA ARG A 55 -45.32 15.98 -9.73
C ARG A 55 -44.59 15.45 -10.97
N GLU A 56 -43.53 16.14 -11.36
CA GLU A 56 -42.77 15.74 -12.52
C GLU A 56 -41.90 14.52 -12.30
N ILE A 57 -41.26 14.46 -11.13
CA ILE A 57 -40.41 13.33 -10.79
C ILE A 57 -41.30 12.12 -10.56
N ASN A 58 -42.44 12.35 -9.92
CA ASN A 58 -43.39 11.28 -9.63
C ASN A 58 -44.25 10.86 -10.83
N ASN A 59 -44.24 11.68 -11.88
CA ASN A 59 -45.04 11.35 -13.06
C ASN A 59 -44.69 9.97 -13.59
N GLU A 60 -45.63 9.04 -13.43
N GLU A 60 -45.62 9.03 -13.43
CA GLU A 60 -45.45 7.68 -13.86
CA GLU A 60 -45.37 7.67 -13.89
C GLU A 60 -45.63 7.47 -15.37
C GLU A 60 -45.56 7.49 -15.40
N LYS A 61 -46.07 8.53 -16.07
CA LYS A 61 -46.28 8.45 -17.51
C LYS A 61 -45.03 9.03 -18.21
N ALA A 62 -44.03 9.39 -17.41
CA ALA A 62 -42.81 9.97 -17.96
C ALA A 62 -41.86 8.97 -18.59
N GLU A 63 -41.25 9.38 -19.69
CA GLU A 63 -40.31 8.53 -20.43
C GLU A 63 -39.06 8.41 -19.55
N PHE A 64 -38.67 7.19 -19.19
CA PHE A 64 -37.52 7.00 -18.33
C PHE A 64 -36.31 7.89 -18.62
N LEU A 65 -35.83 7.93 -19.86
CA LEU A 65 -34.67 8.76 -20.16
C LEU A 65 -34.91 10.23 -19.83
N THR A 66 -36.12 10.70 -20.09
CA THR A 66 -36.47 12.09 -19.82
C THR A 66 -36.53 12.27 -18.31
N LEU A 67 -37.03 11.24 -17.64
CA LEU A 67 -37.17 11.25 -16.20
C LEU A 67 -35.80 11.33 -15.54
N LEU A 68 -34.83 10.59 -16.05
CA LEU A 68 -33.49 10.60 -15.49
C LEU A 68 -32.78 11.94 -15.70
N GLU A 69 -32.94 12.52 -16.89
CA GLU A 69 -32.32 13.80 -17.17
C GLU A 69 -32.93 14.88 -16.26
N LEU A 70 -34.19 14.68 -15.89
CA LEU A 70 -34.87 15.61 -15.01
C LEU A 70 -34.18 15.52 -13.65
N ILE A 71 -34.07 14.31 -13.14
CA ILE A 71 -33.41 14.08 -11.88
C ILE A 71 -32.00 14.64 -11.91
N ASP A 72 -31.31 14.45 -13.03
CA ASP A 72 -29.95 14.95 -13.17
C ASP A 72 -29.91 16.47 -12.95
N ASN A 73 -30.78 17.19 -13.66
CA ASN A 73 -30.83 18.63 -13.53
C ASN A 73 -31.18 19.08 -12.13
N VAL A 74 -32.15 18.41 -11.54
CA VAL A 74 -32.56 18.75 -10.20
C VAL A 74 -31.40 18.62 -9.23
N GLN A 75 -30.61 17.55 -9.39
CA GLN A 75 -29.48 17.34 -8.51
C GLN A 75 -28.38 18.36 -8.76
N ARG A 76 -27.94 18.52 -10.00
CA ARG A 76 -26.88 19.49 -10.29
C ARG A 76 -27.29 20.88 -9.86
N LEU A 77 -28.55 21.23 -10.11
CA LEU A 77 -29.04 22.55 -9.74
C LEU A 77 -29.04 22.78 -8.23
N GLY A 78 -28.81 21.71 -7.47
CA GLY A 78 -28.73 21.83 -6.01
C GLY A 78 -29.98 21.52 -5.21
N LEU A 79 -30.99 20.98 -5.86
CA LEU A 79 -32.29 20.66 -5.24
C LEU A 79 -32.48 19.21 -4.81
N GLY A 80 -31.50 18.36 -5.12
CA GLY A 80 -31.56 16.95 -4.78
C GLY A 80 -32.01 16.57 -3.37
N TYR A 81 -31.53 17.29 -2.36
CA TYR A 81 -31.87 17.00 -0.97
C TYR A 81 -33.37 17.19 -0.68
N ARG A 82 -33.98 18.11 -1.40
CA ARG A 82 -35.36 18.44 -1.22
C ARG A 82 -36.30 17.39 -1.80
N PHE A 83 -35.80 16.60 -2.75
CA PHE A 83 -36.59 15.56 -3.42
C PHE A 83 -35.97 14.19 -3.30
N GLU A 84 -35.18 14.02 -2.27
CA GLU A 84 -34.47 12.77 -1.98
C GLU A 84 -35.38 11.56 -2.09
N SER A 85 -36.48 11.58 -1.34
CA SER A 85 -37.43 10.49 -1.35
C SER A 85 -38.05 10.27 -2.74
N ASP A 86 -38.49 11.35 -3.37
CA ASP A 86 -39.10 11.28 -4.69
C ASP A 86 -38.14 10.64 -5.69
N ILE A 87 -36.89 11.09 -5.70
CA ILE A 87 -35.88 10.57 -6.62
C ILE A 87 -35.69 9.05 -6.48
N ARG A 88 -35.71 8.56 -5.25
CA ARG A 88 -35.56 7.13 -5.01
C ARG A 88 -36.78 6.41 -5.58
N ARG A 89 -37.95 6.93 -5.23
CA ARG A 89 -39.21 6.38 -5.69
C ARG A 89 -39.09 6.18 -7.20
N ALA A 90 -38.71 7.23 -7.91
CA ALA A 90 -38.55 7.18 -9.36
C ALA A 90 -37.55 6.10 -9.77
N LEU A 91 -36.36 6.13 -9.17
CA LEU A 91 -35.35 5.14 -9.50
C LEU A 91 -35.82 3.71 -9.25
N ASP A 92 -36.67 3.54 -8.24
CA ASP A 92 -37.17 2.22 -7.92
C ASP A 92 -38.12 1.70 -8.96
N ARG A 93 -39.01 2.56 -9.42
N ARG A 93 -39.02 2.56 -9.43
CA ARG A 93 -39.97 2.17 -10.45
CA ARG A 93 -39.99 2.19 -10.44
C ARG A 93 -39.19 1.85 -11.71
C ARG A 93 -39.23 1.88 -11.72
N PHE A 94 -38.10 2.55 -11.90
CA PHE A 94 -37.28 2.34 -13.08
C PHE A 94 -36.64 0.95 -13.04
N VAL A 95 -36.14 0.56 -11.87
CA VAL A 95 -35.51 -0.74 -11.74
C VAL A 95 -36.54 -1.86 -11.79
N SER A 96 -37.53 -1.78 -10.89
CA SER A 96 -38.58 -2.78 -10.81
C SER A 96 -39.17 -3.13 -12.18
N SER A 97 -39.18 -2.17 -13.10
CA SER A 97 -39.71 -2.42 -14.42
C SER A 97 -38.59 -2.75 -15.41
N GLY A 98 -37.36 -2.81 -14.92
CA GLY A 98 -36.22 -3.11 -15.78
C GLY A 98 -35.71 -1.89 -16.52
N GLY A 99 -36.55 -0.86 -16.58
CA GLY A 99 -36.17 0.37 -17.27
C GLY A 99 -35.77 0.07 -18.69
N PHE A 100 -34.81 0.83 -19.22
CA PHE A 100 -34.36 0.55 -20.57
C PHE A 100 -33.19 -0.43 -20.53
N ASP A 101 -33.48 -1.66 -20.10
CA ASP A 101 -32.46 -2.71 -20.01
C ASP A 101 -31.99 -3.07 -21.42
N GLY A 102 -32.71 -2.57 -22.43
CA GLY A 102 -32.37 -2.85 -23.81
C GLY A 102 -31.60 -1.71 -24.46
N VAL A 103 -31.75 -0.50 -23.91
CA VAL A 103 -31.06 0.66 -24.42
C VAL A 103 -29.67 0.76 -23.78
N THR A 104 -29.39 -0.16 -22.85
CA THR A 104 -28.08 -0.22 -22.17
C THR A 104 -27.12 -0.85 -23.17
N LYS A 105 -27.59 -0.95 -24.41
CA LYS A 105 -26.84 -1.51 -25.51
C LYS A 105 -27.12 -0.58 -26.70
N THR A 106 -28.13 0.27 -26.53
CA THR A 106 -28.53 1.22 -27.56
C THR A 106 -27.88 2.58 -27.42
N SER A 107 -27.86 3.07 -26.18
CA SER A 107 -27.28 4.38 -25.92
C SER A 107 -26.33 4.41 -24.74
N LEU A 108 -25.12 4.92 -24.98
CA LEU A 108 -24.11 5.01 -23.94
C LEU A 108 -24.55 6.02 -22.88
N HIS A 109 -25.00 7.18 -23.36
CA HIS A 109 -25.46 8.25 -22.49
C HIS A 109 -26.45 7.80 -21.45
N ALA A 110 -27.49 7.10 -21.88
CA ALA A 110 -28.51 6.63 -20.97
C ALA A 110 -27.90 5.65 -19.98
N THR A 111 -27.15 4.69 -20.49
CA THR A 111 -26.50 3.69 -19.65
C THR A 111 -25.65 4.33 -18.57
N ALA A 112 -24.81 5.28 -18.97
CA ALA A 112 -23.94 5.96 -18.01
C ALA A 112 -24.76 6.75 -16.98
N LEU A 113 -25.68 7.57 -17.44
CA LEU A 113 -26.50 8.36 -16.52
C LEU A 113 -27.25 7.47 -15.52
N SER A 114 -27.93 6.45 -16.02
CA SER A 114 -28.69 5.53 -15.16
C SER A 114 -27.75 4.84 -14.16
N PHE A 115 -26.59 4.41 -14.64
CA PHE A 115 -25.58 3.74 -13.82
C PHE A 115 -25.19 4.67 -12.67
N ARG A 116 -24.76 5.87 -13.04
CA ARG A 116 -24.33 6.88 -12.08
C ARG A 116 -25.40 7.24 -11.07
N LEU A 117 -26.65 7.35 -11.52
CA LEU A 117 -27.72 7.73 -10.60
C LEU A 117 -28.11 6.60 -9.67
N LEU A 118 -28.20 5.40 -10.22
CA LEU A 118 -28.57 4.26 -9.41
C LEU A 118 -27.55 4.01 -8.31
N ARG A 119 -26.27 4.01 -8.67
CA ARG A 119 -25.26 3.77 -7.67
C ARG A 119 -25.21 4.91 -6.67
N GLN A 120 -25.39 6.13 -7.18
CA GLN A 120 -25.35 7.29 -6.33
C GLN A 120 -26.33 7.12 -5.18
N HIS A 121 -27.45 6.45 -5.47
CA HIS A 121 -28.49 6.21 -4.48
C HIS A 121 -28.50 4.82 -3.86
N GLY A 122 -27.35 4.17 -3.79
CA GLY A 122 -27.26 2.86 -3.18
C GLY A 122 -27.68 1.65 -4.00
N PHE A 123 -28.32 1.87 -5.14
CA PHE A 123 -28.74 0.75 -5.96
C PHE A 123 -27.53 -0.06 -6.42
N GLU A 124 -27.70 -1.36 -6.61
CA GLU A 124 -26.59 -2.20 -7.05
C GLU A 124 -26.51 -2.17 -8.59
N VAL A 125 -25.30 -1.99 -9.11
CA VAL A 125 -25.07 -1.95 -10.55
C VAL A 125 -23.70 -2.51 -10.88
N SER A 126 -23.61 -3.20 -12.02
CA SER A 126 -22.36 -3.80 -12.45
C SER A 126 -21.64 -3.02 -13.54
N GLN A 127 -20.31 -3.04 -13.50
CA GLN A 127 -19.54 -2.34 -14.51
C GLN A 127 -19.72 -3.04 -15.85
N GLU A 128 -20.29 -4.24 -15.80
CA GLU A 128 -20.54 -5.03 -17.01
C GLU A 128 -21.62 -4.40 -17.87
N ALA A 129 -22.33 -3.42 -17.33
CA ALA A 129 -23.39 -2.75 -18.08
C ALA A 129 -22.79 -1.94 -19.22
N PHE A 130 -21.46 -1.85 -19.24
CA PHE A 130 -20.77 -1.10 -20.28
C PHE A 130 -20.03 -2.00 -21.24
N SER A 131 -19.81 -3.25 -20.83
CA SER A 131 -19.08 -4.23 -21.63
C SER A 131 -19.63 -4.33 -23.05
N GLY A 132 -20.93 -4.09 -23.20
CA GLY A 132 -21.54 -4.14 -24.50
C GLY A 132 -21.18 -2.95 -25.36
N PHE A 133 -20.30 -2.09 -24.87
CA PHE A 133 -19.88 -0.92 -25.64
C PHE A 133 -18.43 -1.03 -26.09
N LYS A 134 -17.86 -2.22 -25.91
CA LYS A 134 -16.47 -2.49 -26.28
C LYS A 134 -16.42 -3.43 -27.49
N ASP A 135 -15.33 -3.37 -28.24
CA ASP A 135 -15.15 -4.23 -29.42
C ASP A 135 -14.60 -5.61 -29.05
N GLN A 136 -14.20 -6.37 -30.07
CA GLN A 136 -13.65 -7.71 -29.86
C GLN A 136 -12.38 -7.63 -29.00
N ASN A 137 -11.47 -6.76 -29.42
CA ASN A 137 -10.22 -6.57 -28.70
C ASN A 137 -10.50 -6.20 -27.25
N GLY A 138 -11.66 -5.57 -27.01
CA GLY A 138 -12.02 -5.18 -25.67
C GLY A 138 -11.81 -3.70 -25.42
N ASN A 139 -12.23 -2.87 -26.38
CA ASN A 139 -12.07 -1.43 -26.26
C ASN A 139 -13.33 -0.73 -26.72
N PHE A 140 -13.62 0.41 -26.10
CA PHE A 140 -14.81 1.18 -26.46
C PHE A 140 -14.73 1.62 -27.92
N LEU A 141 -15.83 1.38 -28.64
CA LEU A 141 -15.92 1.74 -30.05
C LEU A 141 -15.54 3.20 -30.25
N GLU A 142 -14.82 3.47 -31.32
CA GLU A 142 -14.36 4.83 -31.62
C GLU A 142 -15.50 5.78 -31.99
N ASN A 143 -16.45 5.29 -32.78
CA ASN A 143 -17.59 6.07 -33.23
C ASN A 143 -18.34 6.77 -32.11
N LEU A 144 -18.19 6.27 -30.89
CA LEU A 144 -18.86 6.85 -29.73
C LEU A 144 -18.40 8.29 -29.52
N LYS A 145 -17.13 8.56 -29.80
CA LYS A 145 -16.59 9.90 -29.64
C LYS A 145 -17.40 10.93 -30.40
N GLU A 146 -18.11 10.49 -31.44
CA GLU A 146 -18.92 11.40 -32.22
C GLU A 146 -19.93 12.11 -31.31
N ASP A 147 -20.67 11.32 -30.52
CA ASP A 147 -21.66 11.86 -29.58
C ASP A 147 -20.95 12.32 -28.31
N THR A 148 -20.55 13.59 -28.30
CA THR A 148 -19.85 14.16 -27.17
C THR A 148 -20.65 14.12 -25.87
N LYS A 149 -21.97 13.97 -25.98
CA LYS A 149 -22.83 13.92 -24.80
C LYS A 149 -22.63 12.63 -24.02
N ALA A 150 -22.74 11.50 -24.71
CA ALA A 150 -22.57 10.20 -24.09
C ALA A 150 -21.19 10.05 -23.44
N ILE A 151 -20.18 10.69 -24.03
CA ILE A 151 -18.83 10.62 -23.49
C ILE A 151 -18.77 11.29 -22.13
N LEU A 152 -19.35 12.49 -22.03
CA LEU A 152 -19.37 13.23 -20.77
C LEU A 152 -20.10 12.39 -19.71
N SER A 153 -21.20 11.78 -20.10
CA SER A 153 -21.97 10.96 -19.16
C SER A 153 -21.14 9.79 -18.64
N LEU A 154 -20.37 9.16 -19.53
CA LEU A 154 -19.55 8.02 -19.15
C LEU A 154 -18.44 8.49 -18.23
N TYR A 155 -17.80 9.59 -18.62
CA TYR A 155 -16.73 10.18 -17.83
C TYR A 155 -17.24 10.34 -16.41
N GLU A 156 -18.35 11.08 -16.27
CA GLU A 156 -18.94 11.34 -14.97
C GLU A 156 -19.21 10.08 -14.18
N ALA A 157 -19.72 9.06 -14.86
CA ALA A 157 -20.03 7.81 -14.18
C ALA A 157 -18.80 7.04 -13.71
N SER A 158 -17.66 7.24 -14.37
CA SER A 158 -16.43 6.55 -14.01
C SER A 158 -15.92 6.86 -12.62
N PHE A 159 -16.22 8.04 -12.13
CA PHE A 159 -15.72 8.41 -10.82
C PHE A 159 -16.41 7.76 -9.65
N LEU A 160 -17.52 7.09 -9.89
CA LEU A 160 -18.21 6.41 -8.81
C LEU A 160 -17.79 4.95 -8.73
N ALA A 161 -16.65 4.63 -9.33
CA ALA A 161 -16.16 3.26 -9.35
C ALA A 161 -15.57 2.75 -8.04
N LEU A 162 -15.49 1.42 -7.94
CA LEU A 162 -14.95 0.76 -6.79
C LEU A 162 -13.66 0.08 -7.21
N GLU A 163 -12.97 -0.57 -6.27
CA GLU A 163 -11.73 -1.26 -6.63
C GLU A 163 -12.08 -2.52 -7.39
N GLY A 164 -11.34 -2.76 -8.47
CA GLY A 164 -11.59 -3.94 -9.28
C GLY A 164 -12.34 -3.65 -10.56
N GLU A 165 -13.16 -2.61 -10.57
CA GLU A 165 -13.93 -2.27 -11.77
C GLU A 165 -13.03 -1.62 -12.81
N ASN A 166 -12.27 -2.46 -13.51
CA ASN A 166 -11.33 -2.03 -14.54
C ASN A 166 -12.01 -1.33 -15.71
N ILE A 167 -13.17 -1.85 -16.13
CA ILE A 167 -13.90 -1.27 -17.25
C ILE A 167 -14.16 0.21 -17.05
N LEU A 168 -14.52 0.59 -15.83
CA LEU A 168 -14.78 1.98 -15.52
C LEU A 168 -13.47 2.75 -15.55
N ASP A 169 -12.41 2.15 -15.03
CA ASP A 169 -11.11 2.81 -15.06
C ASP A 169 -10.73 3.12 -16.50
N GLU A 170 -10.96 2.15 -17.38
CA GLU A 170 -10.65 2.28 -18.81
C GLU A 170 -11.59 3.29 -19.45
N ALA A 171 -12.81 3.36 -18.93
CA ALA A 171 -13.81 4.27 -19.46
C ALA A 171 -13.36 5.71 -19.27
N ARG A 172 -12.77 6.00 -18.11
CA ARG A 172 -12.31 7.35 -17.83
C ARG A 172 -11.12 7.73 -18.71
N VAL A 173 -10.21 6.77 -18.87
CA VAL A 173 -9.03 6.97 -19.69
C VAL A 173 -9.49 7.24 -21.12
N PHE A 174 -10.46 6.45 -21.56
CA PHE A 174 -11.01 6.59 -22.90
C PHE A 174 -11.75 7.91 -23.10
N ALA A 175 -12.63 8.24 -22.16
CA ALA A 175 -13.40 9.46 -22.23
C ALA A 175 -12.53 10.72 -22.20
N ILE A 176 -11.58 10.78 -21.29
CA ILE A 176 -10.72 11.96 -21.18
C ILE A 176 -9.89 12.20 -22.43
N SER A 177 -9.46 11.11 -23.07
CA SER A 177 -8.65 11.22 -24.28
C SER A 177 -9.40 12.01 -25.35
N HIS A 178 -10.71 11.79 -25.42
CA HIS A 178 -11.54 12.49 -26.40
C HIS A 178 -11.85 13.92 -25.98
N LEU A 179 -12.38 14.09 -24.78
CA LEU A 179 -12.74 15.41 -24.26
C LEU A 179 -11.60 16.41 -24.29
N LYS A 180 -10.38 15.94 -24.01
CA LYS A 180 -9.21 16.80 -24.00
C LYS A 180 -9.07 17.61 -25.29
N GLU A 181 -9.26 16.94 -26.40
CA GLU A 181 -9.13 17.56 -27.71
C GLU A 181 -10.25 18.51 -28.11
N LEU A 182 -11.48 18.17 -27.73
CA LEU A 182 -12.65 18.98 -28.05
C LEU A 182 -12.42 20.49 -27.95
N SER A 183 -12.77 21.21 -29.01
CA SER A 183 -12.61 22.67 -29.08
C SER A 183 -13.99 23.31 -29.06
N GLU A 184 -14.05 24.60 -28.72
CA GLU A 184 -15.32 25.31 -28.67
C GLU A 184 -15.99 25.29 -30.04
N GLU A 185 -15.17 25.21 -31.08
CA GLU A 185 -15.66 25.20 -32.45
C GLU A 185 -16.30 23.87 -32.80
N LYS A 186 -15.61 22.79 -32.45
CA LYS A 186 -16.09 21.44 -32.74
C LYS A 186 -17.51 21.18 -32.24
N ILE A 187 -17.78 21.58 -31.00
CA ILE A 187 -19.08 21.32 -30.41
C ILE A 187 -19.96 22.54 -30.15
N GLY A 188 -19.35 23.63 -29.71
CA GLY A 188 -20.12 24.83 -29.44
C GLY A 188 -19.81 25.41 -28.07
N LYS A 189 -20.04 26.71 -27.92
CA LYS A 189 -19.76 27.39 -26.65
C LYS A 189 -20.40 26.71 -25.45
N GLU A 190 -21.69 26.42 -25.54
CA GLU A 190 -22.39 25.78 -24.44
C GLU A 190 -21.80 24.43 -24.08
N LEU A 191 -21.78 23.54 -25.06
CA LEU A 191 -21.25 22.20 -24.87
C LEU A 191 -19.80 22.19 -24.41
N ALA A 192 -19.02 23.15 -24.89
CA ALA A 192 -17.62 23.21 -24.50
C ALA A 192 -17.47 23.55 -23.03
N GLU A 193 -18.28 24.48 -22.55
CA GLU A 193 -18.23 24.90 -21.15
C GLU A 193 -18.53 23.70 -20.25
N GLN A 194 -19.39 22.81 -20.75
CA GLN A 194 -19.76 21.61 -20.01
C GLN A 194 -18.57 20.69 -19.87
N VAL A 195 -17.85 20.51 -20.98
CA VAL A 195 -16.67 19.66 -20.98
C VAL A 195 -15.57 20.23 -20.08
N ASN A 196 -15.24 21.51 -20.28
CA ASN A 196 -14.19 22.12 -19.48
C ASN A 196 -14.56 22.06 -17.99
N HIS A 197 -15.85 22.12 -17.70
CA HIS A 197 -16.33 22.06 -16.32
C HIS A 197 -16.01 20.68 -15.74
N ALA A 198 -16.37 19.64 -16.49
CA ALA A 198 -16.14 18.26 -16.07
C ALA A 198 -14.65 17.96 -15.95
N LEU A 199 -13.87 18.46 -16.90
CA LEU A 199 -12.43 18.21 -16.87
C LEU A 199 -11.81 18.91 -15.67
N GLU A 200 -12.34 20.06 -15.29
CA GLU A 200 -11.83 20.78 -14.14
C GLU A 200 -11.99 19.92 -12.90
N LEU A 201 -13.20 19.40 -12.70
CA LEU A 201 -13.48 18.55 -11.56
C LEU A 201 -14.79 17.80 -11.81
N PRO A 202 -14.73 16.47 -11.74
CA PRO A 202 -15.90 15.62 -11.96
C PRO A 202 -17.00 15.88 -10.97
N LEU A 203 -18.23 15.69 -11.45
CA LEU A 203 -19.42 15.89 -10.65
C LEU A 203 -19.28 15.21 -9.29
N HIS A 204 -18.97 13.92 -9.31
CA HIS A 204 -18.83 13.14 -8.09
C HIS A 204 -17.90 13.76 -7.04
N ARG A 205 -16.94 14.55 -7.48
CA ARG A 205 -16.01 15.17 -6.55
C ARG A 205 -16.23 16.64 -6.21
N ARG A 206 -17.10 17.32 -6.93
CA ARG A 206 -17.34 18.75 -6.66
C ARG A 206 -18.34 18.88 -5.51
N THR A 207 -18.35 20.03 -4.86
CA THR A 207 -19.29 20.25 -3.75
C THR A 207 -20.66 20.67 -4.26
N GLN A 208 -21.69 20.30 -3.50
CA GLN A 208 -23.08 20.59 -3.85
C GLN A 208 -23.36 22.06 -4.20
N ARG A 209 -22.94 22.97 -3.33
CA ARG A 209 -23.16 24.39 -3.55
C ARG A 209 -22.38 24.91 -4.76
N LEU A 210 -21.11 24.54 -4.89
CA LEU A 210 -20.31 24.99 -6.03
C LEU A 210 -20.90 24.51 -7.34
N GLU A 211 -21.44 23.30 -7.34
CA GLU A 211 -22.05 22.76 -8.55
C GLU A 211 -23.30 23.58 -8.84
N ALA A 212 -24.04 23.89 -7.79
CA ALA A 212 -25.27 24.66 -7.90
C ALA A 212 -25.07 26.01 -8.60
N VAL A 213 -24.17 26.85 -8.09
CA VAL A 213 -23.95 28.16 -8.72
C VAL A 213 -23.62 28.08 -10.19
N TRP A 214 -22.84 27.06 -10.55
CA TRP A 214 -22.43 26.88 -11.94
C TRP A 214 -23.59 26.42 -12.80
N SER A 215 -24.26 25.36 -12.37
CA SER A 215 -25.36 24.80 -13.12
C SER A 215 -26.51 25.78 -13.32
N ILE A 216 -26.80 26.58 -12.30
CA ILE A 216 -27.88 27.55 -12.41
C ILE A 216 -27.55 28.57 -13.50
N GLU A 217 -26.36 29.15 -13.44
N GLU A 217 -26.36 29.17 -13.44
CA GLU A 217 -25.95 30.13 -14.46
CA GLU A 217 -25.97 30.14 -14.45
C GLU A 217 -25.99 29.50 -15.85
C GLU A 217 -25.99 29.50 -15.84
N ALA A 218 -25.62 28.23 -15.92
CA ALA A 218 -25.60 27.51 -17.17
C ALA A 218 -27.01 27.13 -17.61
N TYR A 219 -27.87 26.82 -16.66
CA TYR A 219 -29.24 26.43 -16.98
C TYR A 219 -30.07 27.64 -17.40
N ARG A 220 -29.86 28.77 -16.74
CA ARG A 220 -30.62 29.97 -17.06
C ARG A 220 -30.33 30.47 -18.48
N LYS A 221 -29.23 30.01 -19.08
CA LYS A 221 -28.89 30.44 -20.42
C LYS A 221 -29.59 29.60 -21.49
N LYS A 222 -29.91 28.35 -21.17
CA LYS A 222 -30.58 27.48 -22.13
C LYS A 222 -31.95 28.01 -22.51
N GLU A 223 -32.27 27.91 -23.80
CA GLU A 223 -33.55 28.36 -24.32
C GLU A 223 -34.67 27.43 -23.89
N ASP A 224 -34.36 26.14 -23.82
CA ASP A 224 -35.34 25.13 -23.42
C ASP A 224 -35.35 24.86 -21.92
N ALA A 225 -34.69 25.74 -21.16
CA ALA A 225 -34.62 25.60 -19.71
C ALA A 225 -36.01 25.63 -19.08
N ASN A 226 -36.27 24.69 -18.18
CA ASN A 226 -37.55 24.62 -17.50
C ASN A 226 -37.69 25.82 -16.57
N GLN A 227 -38.54 26.77 -16.94
CA GLN A 227 -38.73 27.97 -16.13
C GLN A 227 -39.18 27.75 -14.68
N VAL A 228 -39.91 26.67 -14.45
CA VAL A 228 -40.39 26.38 -13.12
C VAL A 228 -39.23 25.90 -12.25
N LEU A 229 -38.48 24.93 -12.78
CA LEU A 229 -37.32 24.37 -12.10
C LEU A 229 -36.25 25.42 -11.91
N LEU A 230 -36.03 26.25 -12.93
CA LEU A 230 -35.02 27.30 -12.85
C LEU A 230 -35.31 28.23 -11.68
N GLU A 231 -36.57 28.64 -11.56
CA GLU A 231 -36.99 29.55 -10.50
C GLU A 231 -36.84 28.92 -9.13
N LEU A 232 -37.18 27.64 -9.02
CA LEU A 232 -37.05 26.98 -7.74
C LEU A 232 -35.57 26.96 -7.34
N ALA A 233 -34.72 26.58 -8.29
CA ALA A 233 -33.28 26.51 -8.05
C ALA A 233 -32.74 27.83 -7.53
N ILE A 234 -33.04 28.90 -8.24
CA ILE A 234 -32.59 30.22 -7.84
C ILE A 234 -33.09 30.53 -6.44
N LEU A 235 -34.39 30.43 -6.25
CA LEU A 235 -34.97 30.72 -4.95
C LEU A 235 -34.34 29.92 -3.83
N ASP A 236 -34.33 28.61 -3.99
CA ASP A 236 -33.79 27.76 -2.97
C ASP A 236 -32.33 28.06 -2.67
N TYR A 237 -31.54 28.34 -3.70
CA TYR A 237 -30.14 28.64 -3.48
C TYR A 237 -29.98 29.88 -2.62
N ASN A 238 -30.60 30.99 -3.02
CA ASN A 238 -30.50 32.22 -2.26
C ASN A 238 -31.09 32.07 -0.86
N MET A 239 -32.11 31.22 -0.73
CA MET A 239 -32.75 31.00 0.56
C MET A 239 -31.80 30.34 1.55
N ILE A 240 -31.09 29.32 1.07
CA ILE A 240 -30.12 28.61 1.89
C ILE A 240 -28.96 29.55 2.15
N GLN A 241 -28.49 30.22 1.10
CA GLN A 241 -27.38 31.15 1.27
C GLN A 241 -27.64 32.12 2.42
N SER A 242 -28.89 32.56 2.58
CA SER A 242 -29.22 33.48 3.65
C SER A 242 -28.94 32.83 5.00
N VAL A 243 -29.27 31.55 5.12
CA VAL A 243 -29.03 30.80 6.35
C VAL A 243 -27.54 30.86 6.68
N TYR A 244 -26.71 30.69 5.66
CA TYR A 244 -25.28 30.72 5.86
C TYR A 244 -24.87 32.07 6.46
N GLN A 245 -25.31 33.15 5.83
CA GLN A 245 -25.00 34.50 6.31
C GLN A 245 -25.39 34.68 7.78
N ARG A 246 -26.56 34.15 8.15
CA ARG A 246 -26.99 34.25 9.52
C ARG A 246 -26.05 33.43 10.40
N ASP A 247 -25.60 32.28 9.88
CA ASP A 247 -24.66 31.43 10.64
C ASP A 247 -23.29 32.10 10.77
N LEU A 248 -22.75 32.55 9.65
CA LEU A 248 -21.45 33.20 9.65
C LEU A 248 -21.47 34.47 10.48
N ARG A 249 -22.67 34.98 10.67
CA ARG A 249 -22.90 36.20 11.45
C ARG A 249 -22.62 35.94 12.93
N GLU A 250 -23.24 34.91 13.48
CA GLU A 250 -23.03 34.56 14.88
C GLU A 250 -21.60 34.08 15.13
N THR A 251 -21.08 33.27 14.21
CA THR A 251 -19.73 32.76 14.32
C THR A 251 -18.76 33.94 14.34
N SER A 252 -19.06 34.96 13.54
CA SER A 252 -18.21 36.13 13.49
C SER A 252 -18.29 36.89 14.80
N ARG A 253 -19.46 36.83 15.43
CA ARG A 253 -19.68 37.50 16.70
C ARG A 253 -18.67 36.89 17.67
N TRP A 254 -18.61 35.56 17.66
CA TRP A 254 -17.73 34.76 18.49
C TRP A 254 -16.25 35.10 18.25
N TRP A 255 -15.87 35.07 16.98
CA TRP A 255 -14.50 35.36 16.55
C TRP A 255 -14.03 36.70 17.08
N ARG A 256 -14.88 37.71 16.95
CA ARG A 256 -14.56 39.04 17.43
C ARG A 256 -14.33 39.06 18.93
N ARG A 257 -15.31 38.58 19.71
CA ARG A 257 -15.16 38.54 21.16
C ARG A 257 -13.88 37.82 21.56
N VAL A 258 -13.54 36.78 20.82
CA VAL A 258 -12.32 36.03 21.12
C VAL A 258 -11.12 36.85 20.66
N GLY A 259 -11.27 37.49 19.51
CA GLY A 259 -10.22 38.33 18.95
C GLY A 259 -8.83 37.77 19.13
N LEU A 260 -8.65 36.50 18.77
CA LEU A 260 -7.36 35.84 18.94
C LEU A 260 -6.30 36.34 17.96
N ALA A 261 -6.73 36.69 16.75
CA ALA A 261 -5.80 37.16 15.73
C ALA A 261 -5.24 38.55 16.04
N THR A 262 -6.05 39.40 16.63
CA THR A 262 -5.60 40.75 16.96
C THR A 262 -4.51 40.75 18.03
N LYS A 263 -4.56 39.81 18.96
CA LYS A 263 -3.56 39.75 20.03
C LYS A 263 -2.32 38.97 19.62
N LEU A 264 -2.51 37.99 18.76
CA LEU A 264 -1.40 37.20 18.26
C LEU A 264 -0.98 37.84 16.94
N HIS A 265 0.02 38.70 17.03
CA HIS A 265 0.52 39.44 15.88
C HIS A 265 1.09 38.56 14.76
N PHE A 266 1.42 37.31 15.08
CA PHE A 266 1.96 36.39 14.08
C PHE A 266 0.86 35.61 13.37
N ALA A 267 -0.24 35.33 14.08
CA ALA A 267 -1.36 34.57 13.54
C ALA A 267 -2.09 35.22 12.38
N ARG A 268 -2.66 34.37 11.52
CA ARG A 268 -3.42 34.83 10.37
C ARG A 268 -4.90 34.55 10.60
N ASP A 269 -5.73 35.47 10.14
CA ASP A 269 -7.18 35.35 10.29
C ASP A 269 -7.79 34.63 9.09
N ARG A 270 -8.52 33.57 9.37
N ARG A 270 -8.52 33.56 9.37
CA ARG A 270 -9.16 32.79 8.33
CA ARG A 270 -9.18 32.80 8.31
C ARG A 270 -10.53 32.30 8.79
C ARG A 270 -10.54 32.30 8.77
N LEU A 271 -11.37 33.23 9.26
CA LEU A 271 -12.70 32.87 9.73
C LEU A 271 -13.67 32.69 8.57
N ILE A 272 -13.64 33.60 7.61
CA ILE A 272 -14.51 33.51 6.44
C ILE A 272 -14.12 32.30 5.61
N GLU A 273 -12.82 32.11 5.42
N GLU A 273 -12.82 32.13 5.40
CA GLU A 273 -12.30 30.98 4.66
CA GLU A 273 -12.33 31.00 4.64
C GLU A 273 -12.77 29.69 5.33
C GLU A 273 -12.79 29.71 5.33
N SER A 274 -12.82 29.72 6.66
CA SER A 274 -13.24 28.56 7.41
C SER A 274 -14.70 28.22 7.21
N PHE A 275 -15.55 29.23 7.23
CA PHE A 275 -16.97 28.99 7.06
C PHE A 275 -17.24 28.39 5.67
N TYR A 276 -16.58 28.94 4.66
CA TYR A 276 -16.71 28.47 3.29
C TYR A 276 -16.36 26.99 3.24
N TRP A 277 -15.28 26.63 3.93
CA TRP A 277 -14.84 25.26 4.00
C TRP A 277 -15.96 24.45 4.64
N ALA A 278 -16.51 24.97 5.75
CA ALA A 278 -17.60 24.31 6.46
C ALA A 278 -18.79 24.01 5.55
N VAL A 279 -19.19 24.99 4.75
CA VAL A 279 -20.32 24.83 3.84
C VAL A 279 -20.14 23.64 2.91
N GLY A 280 -18.89 23.37 2.54
CA GLY A 280 -18.64 22.26 1.65
C GLY A 280 -18.98 20.94 2.34
N VAL A 281 -18.59 20.85 3.60
CA VAL A 281 -18.80 19.68 4.42
C VAL A 281 -20.26 19.44 4.80
N ALA A 282 -20.97 20.51 5.11
CA ALA A 282 -22.37 20.42 5.51
C ALA A 282 -23.16 21.59 4.92
N PHE A 283 -23.73 21.38 3.73
CA PHE A 283 -24.49 22.42 3.04
C PHE A 283 -25.96 22.44 3.42
N GLU A 284 -26.52 21.28 3.74
CA GLU A 284 -27.93 21.19 4.13
C GLU A 284 -28.16 22.28 5.15
N PRO A 285 -29.20 23.10 4.95
CA PRO A 285 -29.49 24.19 5.90
C PRO A 285 -29.65 23.76 7.37
N GLN A 286 -30.33 22.65 7.60
CA GLN A 286 -30.56 22.18 8.95
C GLN A 286 -29.25 21.96 9.74
N TYR A 287 -28.11 22.00 9.06
CA TYR A 287 -26.84 21.77 9.75
C TYR A 287 -26.04 23.00 10.19
N SER A 288 -26.70 24.07 10.60
CA SER A 288 -25.96 25.24 11.05
C SER A 288 -24.97 24.86 12.15
N ASP A 289 -25.36 23.94 13.00
CA ASP A 289 -24.51 23.52 14.11
C ASP A 289 -23.16 23.01 13.65
N CYS A 290 -23.24 21.98 12.82
CA CYS A 290 -22.08 21.32 12.26
C CYS A 290 -21.21 22.33 11.53
N ARG A 291 -21.86 23.31 10.92
CA ARG A 291 -21.16 24.33 10.17
C ARG A 291 -20.35 25.21 11.11
N ASN A 292 -20.99 25.72 12.16
CA ASN A 292 -20.32 26.57 13.12
C ASN A 292 -19.23 25.82 13.88
N SER A 293 -19.48 24.55 14.10
CA SER A 293 -18.56 23.69 14.81
C SER A 293 -17.29 23.45 13.97
N VAL A 294 -17.45 23.25 12.66
CA VAL A 294 -16.29 23.03 11.82
C VAL A 294 -15.57 24.34 11.57
N ALA A 295 -16.33 25.42 11.36
CA ALA A 295 -15.69 26.72 11.11
C ALA A 295 -14.85 27.18 12.30
N LYS A 296 -15.32 26.89 13.51
CA LYS A 296 -14.56 27.28 14.70
C LYS A 296 -13.31 26.43 14.81
N MET A 297 -13.48 25.12 14.63
CA MET A 297 -12.37 24.20 14.72
C MET A 297 -11.27 24.52 13.71
N PHE A 298 -11.65 24.75 12.46
CA PHE A 298 -10.70 25.07 11.41
C PHE A 298 -9.96 26.36 11.72
N SER A 299 -10.66 27.32 12.32
CA SER A 299 -10.03 28.59 12.67
C SER A 299 -8.93 28.38 13.72
N PHE A 300 -9.22 27.52 14.67
CA PHE A 300 -8.28 27.21 15.72
C PHE A 300 -7.12 26.36 15.16
N VAL A 301 -7.45 25.45 14.26
CA VAL A 301 -6.43 24.62 13.65
C VAL A 301 -5.43 25.55 12.96
N THR A 302 -5.95 26.56 12.29
CA THR A 302 -5.12 27.53 11.57
C THR A 302 -4.07 28.18 12.48
N ILE A 303 -4.52 28.71 13.61
CA ILE A 303 -3.64 29.38 14.58
C ILE A 303 -2.62 28.46 15.23
N ILE A 304 -3.13 27.39 15.82
CA ILE A 304 -2.31 26.41 16.48
C ILE A 304 -1.36 25.78 15.47
N ASP A 305 -1.79 25.66 14.22
CA ASP A 305 -0.92 25.11 13.20
C ASP A 305 0.32 25.98 13.09
N ASP A 306 0.14 27.29 12.96
CA ASP A 306 1.27 28.20 12.84
C ASP A 306 2.14 28.15 14.09
N ILE A 307 1.52 28.17 15.26
CA ILE A 307 2.30 28.13 16.49
C ILE A 307 3.34 27.00 16.45
N TYR A 308 2.98 25.88 15.84
CA TYR A 308 3.88 24.73 15.76
C TYR A 308 4.97 24.76 14.72
N ASP A 309 4.65 25.17 13.49
CA ASP A 309 5.69 25.15 12.46
C ASP A 309 6.40 26.46 12.13
N VAL A 310 6.03 27.57 12.77
CA VAL A 310 6.72 28.81 12.50
C VAL A 310 7.01 29.65 13.72
N TYR A 311 6.10 29.70 14.69
CA TYR A 311 6.33 30.54 15.85
C TYR A 311 6.95 29.93 17.10
N GLY A 312 6.34 28.89 17.63
CA GLY A 312 6.84 28.28 18.87
C GLY A 312 8.10 27.44 18.81
N THR A 313 8.83 27.43 19.93
CA THR A 313 10.04 26.63 20.02
C THR A 313 9.61 25.27 20.52
N LEU A 314 10.46 24.27 20.29
CA LEU A 314 10.13 22.93 20.76
C LEU A 314 9.74 22.91 22.23
N ASP A 315 10.50 23.58 23.09
CA ASP A 315 10.17 23.58 24.53
C ASP A 315 8.77 24.13 24.80
N GLU A 316 8.37 25.12 24.01
CA GLU A 316 7.06 25.74 24.18
C GLU A 316 6.00 24.78 23.64
N LEU A 317 6.24 24.25 22.44
CA LEU A 317 5.30 23.32 21.81
C LEU A 317 5.09 22.11 22.72
N GLU A 318 6.17 21.71 23.36
CA GLU A 318 6.15 20.58 24.24
C GLU A 318 5.17 20.87 25.40
N LEU A 319 5.19 22.10 25.91
CA LEU A 319 4.29 22.49 27.01
C LEU A 319 2.84 22.56 26.53
N PHE A 320 2.65 23.18 25.37
CA PHE A 320 1.32 23.31 24.79
C PHE A 320 0.74 21.91 24.62
N THR A 321 1.50 21.03 23.98
CA THR A 321 1.03 19.67 23.75
C THR A 321 0.61 19.04 25.07
N ASP A 322 1.50 19.11 26.07
CA ASP A 322 1.21 18.58 27.39
C ASP A 322 -0.07 19.19 27.96
N ALA A 323 -0.23 20.51 27.86
CA ALA A 323 -1.42 21.16 28.38
C ALA A 323 -2.72 20.60 27.77
N VAL A 324 -2.75 20.46 26.45
CA VAL A 324 -3.93 19.93 25.77
C VAL A 324 -4.26 18.54 26.29
N GLU A 325 -3.23 17.75 26.55
CA GLU A 325 -3.43 16.40 27.04
C GLU A 325 -4.03 16.38 28.44
N ARG A 326 -3.53 17.27 29.31
N ARG A 326 -3.53 17.27 29.31
CA ARG A 326 -4.03 17.32 30.67
CA ARG A 326 -4.01 17.34 30.67
C ARG A 326 -5.39 18.01 30.78
C ARG A 326 -5.37 18.01 30.79
N TRP A 327 -5.64 18.95 29.87
CA TRP A 327 -6.91 19.67 29.84
C TRP A 327 -7.23 20.30 31.20
N ASP A 328 -6.20 20.88 31.81
CA ASP A 328 -6.32 21.50 33.12
C ASP A 328 -6.23 23.02 33.02
N VAL A 329 -7.33 23.71 33.32
CA VAL A 329 -7.30 25.17 33.24
C VAL A 329 -6.45 25.79 34.34
N ASN A 330 -6.47 25.22 35.54
CA ASN A 330 -5.68 25.75 36.67
C ASN A 330 -4.18 25.50 36.48
N ALA A 331 -3.75 25.30 35.24
CA ALA A 331 -2.35 25.05 34.95
C ALA A 331 -1.90 25.85 33.74
N ILE A 332 -2.79 26.71 33.24
CA ILE A 332 -2.45 27.52 32.08
C ILE A 332 -1.37 28.54 32.43
N ASN A 333 -0.85 28.48 33.64
CA ASN A 333 0.19 29.43 34.04
C ASN A 333 1.57 28.96 33.67
N ASP A 334 1.67 27.69 33.29
CA ASP A 334 2.94 27.11 32.90
C ASP A 334 3.19 27.45 31.44
N LEU A 335 2.18 28.08 30.82
CA LEU A 335 2.29 28.45 29.41
C LEU A 335 2.78 29.87 29.19
N PRO A 336 3.59 30.09 28.13
CA PRO A 336 4.06 31.45 27.87
C PRO A 336 2.87 32.35 27.54
N ASP A 337 2.97 33.65 27.81
CA ASP A 337 1.86 34.57 27.58
C ASP A 337 0.97 34.29 26.38
N TYR A 338 1.54 34.27 25.19
CA TYR A 338 0.73 34.07 24.00
C TYR A 338 0.04 32.70 23.93
N MET A 339 0.74 31.65 24.36
CA MET A 339 0.12 30.32 24.37
C MET A 339 -0.95 30.23 25.43
N LYS A 340 -0.81 31.01 26.50
CA LYS A 340 -1.81 30.95 27.54
C LYS A 340 -3.11 31.50 27.00
N LEU A 341 -3.02 32.61 26.28
CA LEU A 341 -4.20 33.23 25.72
C LEU A 341 -4.86 32.30 24.70
N CYS A 342 -4.05 31.60 23.92
CA CYS A 342 -4.53 30.70 22.89
C CYS A 342 -5.22 29.44 23.45
N PHE A 343 -4.60 28.85 24.45
CA PHE A 343 -5.13 27.66 25.09
C PHE A 343 -6.50 27.93 25.75
N LEU A 344 -6.61 29.04 26.48
CA LEU A 344 -7.86 29.34 27.16
C LEU A 344 -9.01 29.47 26.18
N ALA A 345 -8.76 30.15 25.06
CA ALA A 345 -9.77 30.35 24.02
C ALA A 345 -10.23 29.01 23.47
N LEU A 346 -9.29 28.09 23.30
CA LEU A 346 -9.58 26.76 22.79
C LEU A 346 -10.40 26.05 23.85
N TYR A 347 -9.82 25.96 25.04
CA TYR A 347 -10.44 25.31 26.20
C TYR A 347 -11.93 25.65 26.33
N ASN A 348 -12.25 26.95 26.34
CA ASN A 348 -13.63 27.37 26.46
C ASN A 348 -14.47 26.95 25.27
N THR A 349 -14.01 27.25 24.06
CA THR A 349 -14.78 26.88 22.89
C THR A 349 -15.21 25.40 22.90
N ILE A 350 -14.26 24.52 23.21
CA ILE A 350 -14.54 23.09 23.28
C ILE A 350 -15.50 22.78 24.42
N ASN A 351 -15.20 23.29 25.61
CA ASN A 351 -16.07 23.05 26.76
C ASN A 351 -17.49 23.54 26.48
N GLU A 352 -17.60 24.54 25.59
CA GLU A 352 -18.90 25.09 25.22
C GLU A 352 -19.65 24.08 24.33
N ILE A 353 -18.94 23.47 23.39
CA ILE A 353 -19.51 22.48 22.50
C ILE A 353 -19.93 21.25 23.31
N ALA A 354 -19.11 20.89 24.28
CA ALA A 354 -19.41 19.76 25.13
C ALA A 354 -20.68 20.04 25.94
N TYR A 355 -20.79 21.26 26.45
CA TYR A 355 -21.96 21.64 27.23
C TYR A 355 -23.22 21.54 26.39
N ASP A 356 -23.12 21.94 25.13
CA ASP A 356 -24.28 21.87 24.23
C ASP A 356 -24.74 20.44 24.08
N ASN A 357 -23.81 19.55 23.79
CA ASN A 357 -24.15 18.15 23.61
C ASN A 357 -24.79 17.58 24.86
N LEU A 358 -24.21 17.91 26.00
CA LEU A 358 -24.71 17.44 27.27
C LEU A 358 -26.17 17.86 27.42
N LYS A 359 -26.42 19.12 27.15
CA LYS A 359 -27.77 19.66 27.27
C LYS A 359 -28.74 19.12 26.22
N ASP A 360 -28.22 18.74 25.07
CA ASP A 360 -29.10 18.25 24.01
C ASP A 360 -29.10 16.73 23.81
N LYS A 361 -28.06 16.04 24.26
CA LYS A 361 -27.97 14.60 24.11
C LYS A 361 -27.95 13.89 25.47
N GLY A 362 -27.71 14.64 26.52
CA GLY A 362 -27.65 14.05 27.84
C GLY A 362 -26.46 13.12 27.91
N GLU A 363 -25.42 13.47 27.14
CA GLU A 363 -24.20 12.67 27.10
C GLU A 363 -23.00 13.58 27.25
N ASN A 364 -21.96 13.09 27.92
CA ASN A 364 -20.73 13.86 28.08
C ASN A 364 -19.73 13.44 27.02
N ILE A 365 -19.63 14.20 25.95
CA ILE A 365 -18.71 13.84 24.86
C ILE A 365 -17.36 14.54 24.92
N LEU A 366 -17.11 15.27 26.01
CA LEU A 366 -15.85 16.00 26.19
C LEU A 366 -14.61 15.12 26.00
N PRO A 367 -14.60 13.93 26.62
CA PRO A 367 -13.43 13.04 26.48
C PRO A 367 -12.98 12.87 25.04
N TYR A 368 -13.90 12.55 24.15
CA TYR A 368 -13.62 12.35 22.75
C TYR A 368 -13.07 13.62 22.11
N LEU A 369 -13.76 14.74 22.34
CA LEU A 369 -13.38 16.04 21.80
C LEU A 369 -11.96 16.44 22.18
N THR A 370 -11.67 16.43 23.49
CA THR A 370 -10.35 16.80 23.94
C THR A 370 -9.31 15.80 23.43
N LYS A 371 -9.75 14.57 23.18
CA LYS A 371 -8.84 13.52 22.70
C LYS A 371 -8.38 13.84 21.30
N ALA A 372 -9.34 14.27 20.49
CA ALA A 372 -9.06 14.60 19.11
C ALA A 372 -7.96 15.64 19.07
N TRP A 373 -8.06 16.64 19.95
CA TRP A 373 -7.05 17.70 19.98
C TRP A 373 -5.69 17.23 20.45
N ALA A 374 -5.66 16.36 21.46
CA ALA A 374 -4.38 15.86 21.93
C ALA A 374 -3.70 15.15 20.74
N ASP A 375 -4.46 14.38 19.97
CA ASP A 375 -3.85 13.68 18.85
C ASP A 375 -3.32 14.63 17.77
N LEU A 376 -4.10 15.67 17.46
CA LEU A 376 -3.68 16.62 16.44
C LEU A 376 -2.44 17.40 16.85
N CYS A 377 -2.40 17.82 18.10
CA CYS A 377 -1.24 18.56 18.56
C CYS A 377 0.01 17.69 18.53
N ASN A 378 -0.15 16.43 18.95
CA ASN A 378 0.98 15.51 18.92
C ASN A 378 1.44 15.31 17.48
N ALA A 379 0.51 15.32 16.54
CA ALA A 379 0.87 15.18 15.12
C ALA A 379 1.64 16.45 14.73
N PHE A 380 1.16 17.61 15.19
CA PHE A 380 1.81 18.89 14.90
C PHE A 380 3.23 18.89 15.49
N LEU A 381 3.36 18.35 16.69
CA LEU A 381 4.66 18.32 17.37
C LEU A 381 5.63 17.41 16.65
N GLN A 382 5.11 16.31 16.12
CA GLN A 382 5.93 15.36 15.39
C GLN A 382 6.52 16.07 14.18
N GLU A 383 5.72 16.94 13.56
CA GLU A 383 6.20 17.68 12.42
C GLU A 383 7.27 18.67 12.86
N ALA A 384 7.00 19.37 13.96
CA ALA A 384 7.97 20.35 14.45
C ALA A 384 9.32 19.70 14.75
N LYS A 385 9.29 18.51 15.35
CA LYS A 385 10.53 17.82 15.67
C LYS A 385 11.30 17.42 14.42
N TRP A 386 10.61 16.78 13.47
CA TRP A 386 11.24 16.36 12.22
C TRP A 386 11.93 17.52 11.54
N LEU A 387 11.30 18.68 11.63
CA LEU A 387 11.83 19.90 11.03
C LEU A 387 13.07 20.34 11.80
N TYR A 388 12.93 20.55 13.10
CA TYR A 388 14.07 20.98 13.91
C TYR A 388 15.25 20.02 13.82
N ASN A 389 14.97 18.72 13.73
CA ASN A 389 16.06 17.74 13.67
C ASN A 389 16.50 17.40 12.25
N LYS A 390 16.05 18.18 11.27
CA LYS A 390 16.41 17.95 9.88
C LYS A 390 16.15 16.49 9.47
N SER A 391 15.20 15.84 10.12
CA SER A 391 14.84 14.44 9.81
C SER A 391 14.35 14.27 8.38
N THR A 392 14.42 13.05 7.87
CA THR A 392 13.95 12.75 6.52
C THR A 392 13.20 11.44 6.57
N PRO A 393 12.06 11.44 7.28
CA PRO A 393 11.23 10.24 7.42
C PRO A 393 10.71 9.76 6.06
N THR A 394 10.47 8.45 5.96
CA THR A 394 9.98 7.83 4.74
C THR A 394 8.57 8.29 4.46
N PHE A 395 8.21 8.34 3.20
CA PHE A 395 6.88 8.75 2.81
C PHE A 395 5.82 8.15 3.72
N ASP A 396 5.90 6.85 3.95
CA ASP A 396 4.92 6.16 4.80
C ASP A 396 4.75 6.77 6.17
N ASP A 397 5.86 7.13 6.80
CA ASP A 397 5.80 7.71 8.13
C ASP A 397 5.28 9.13 8.10
N TYR A 398 5.83 9.93 7.18
CA TYR A 398 5.43 11.31 7.07
C TYR A 398 3.94 11.48 6.80
N PHE A 399 3.47 10.74 5.82
CA PHE A 399 2.07 10.81 5.43
C PHE A 399 1.19 10.30 6.54
N GLY A 400 1.63 9.24 7.19
CA GLY A 400 0.83 8.68 8.27
C GLY A 400 0.54 9.71 9.33
N ASN A 401 1.43 10.71 9.43
CA ASN A 401 1.27 11.78 10.42
C ASN A 401 0.57 12.97 9.76
N ALA A 402 0.91 13.22 8.51
CA ALA A 402 0.36 14.31 7.73
C ALA A 402 -1.16 14.34 7.62
N TRP A 403 -1.79 13.20 7.34
CA TRP A 403 -3.26 13.23 7.23
C TRP A 403 -3.91 13.46 8.58
N LYS A 404 -3.21 13.12 9.67
CA LYS A 404 -3.75 13.37 11.00
C LYS A 404 -3.55 14.86 11.30
N SER A 405 -2.39 15.39 10.94
CA SER A 405 -2.10 16.80 11.20
C SER A 405 -2.87 17.71 10.28
N SER A 406 -3.59 17.13 9.33
CA SER A 406 -4.37 17.94 8.40
C SER A 406 -5.55 18.50 9.18
N SER A 407 -5.92 17.81 10.25
CA SER A 407 -7.06 18.17 11.12
C SER A 407 -8.35 17.59 10.57
N GLY A 408 -8.26 16.94 9.40
CA GLY A 408 -9.43 16.34 8.80
C GLY A 408 -10.14 15.43 9.79
N PRO A 409 -9.50 14.36 10.28
CA PRO A 409 -10.19 13.47 11.23
C PRO A 409 -10.81 14.21 12.42
N LEU A 410 -10.13 15.23 12.93
CA LEU A 410 -10.65 16.00 14.06
C LEU A 410 -11.90 16.75 13.60
N GLN A 411 -11.85 17.33 12.41
CA GLN A 411 -13.00 18.04 11.92
C GLN A 411 -14.19 17.09 11.84
N LEU A 412 -13.98 15.89 11.31
CA LEU A 412 -15.08 14.94 11.20
C LEU A 412 -15.61 14.51 12.55
N ILE A 413 -14.71 14.17 13.47
CA ILE A 413 -15.14 13.75 14.79
C ILE A 413 -16.07 14.83 15.33
N PHE A 414 -15.71 16.09 15.16
CA PHE A 414 -16.58 17.14 15.63
C PHE A 414 -17.88 17.16 14.83
N ALA A 415 -17.80 16.99 13.51
CA ALA A 415 -19.00 16.99 12.67
C ALA A 415 -19.95 15.86 13.07
N TYR A 416 -19.38 14.72 13.43
CA TYR A 416 -20.17 13.56 13.85
C TYR A 416 -21.20 13.95 14.91
N PHE A 417 -20.71 14.46 16.02
CA PHE A 417 -21.59 14.87 17.12
C PHE A 417 -22.59 15.94 16.71
N ALA A 418 -22.28 16.68 15.64
CA ALA A 418 -23.17 17.74 15.20
C ALA A 418 -24.15 17.29 14.11
N VAL A 419 -23.83 16.19 13.43
CA VAL A 419 -24.72 15.70 12.39
C VAL A 419 -25.67 14.60 12.83
N VAL A 420 -25.20 13.66 13.65
CA VAL A 420 -26.05 12.57 14.11
C VAL A 420 -26.74 12.95 15.42
N GLN A 421 -28.05 12.69 15.52
CA GLN A 421 -28.78 13.02 16.76
C GLN A 421 -28.60 11.93 17.82
N ASN A 422 -28.43 10.69 17.40
CA ASN A 422 -28.24 9.59 18.35
C ASN A 422 -26.83 9.02 18.22
N ILE A 423 -25.98 9.36 19.18
CA ILE A 423 -24.60 8.87 19.15
C ILE A 423 -24.54 7.44 19.68
N LYS A 424 -23.81 6.57 18.99
CA LYS A 424 -23.70 5.18 19.44
C LYS A 424 -22.28 4.93 19.93
N LYS A 425 -22.17 4.35 21.11
CA LYS A 425 -20.88 4.05 21.71
C LYS A 425 -19.93 3.42 20.70
N GLU A 426 -20.43 2.48 19.90
CA GLU A 426 -19.58 1.80 18.92
C GLU A 426 -18.97 2.72 17.87
N GLU A 427 -19.75 3.67 17.36
CA GLU A 427 -19.27 4.60 16.35
C GLU A 427 -18.16 5.49 16.87
N ILE A 428 -18.41 6.20 17.97
CA ILE A 428 -17.41 7.09 18.53
C ILE A 428 -16.09 6.38 18.80
N GLU A 429 -16.15 5.13 19.24
CA GLU A 429 -14.94 4.35 19.49
C GLU A 429 -14.16 4.12 18.21
N ASN A 430 -14.87 3.89 17.11
CA ASN A 430 -14.22 3.66 15.83
C ASN A 430 -13.59 4.96 15.32
N LEU A 431 -14.31 6.06 15.49
CA LEU A 431 -13.78 7.35 15.07
C LEU A 431 -12.52 7.65 15.87
N GLN A 432 -12.56 7.33 17.14
CA GLN A 432 -11.42 7.56 18.00
C GLN A 432 -10.18 6.79 17.53
N LYS A 433 -10.41 5.65 16.89
CA LYS A 433 -9.33 4.80 16.40
C LYS A 433 -9.06 5.08 14.92
N TYR A 434 -9.59 6.20 14.46
CA TYR A 434 -9.47 6.70 13.07
C TYR A 434 -9.90 5.70 12.01
N HIS A 435 -11.16 5.31 12.09
CA HIS A 435 -11.77 4.39 11.15
C HIS A 435 -11.65 4.95 9.73
N ASP A 436 -11.68 4.05 8.76
CA ASP A 436 -11.55 4.43 7.35
C ASP A 436 -12.57 5.48 6.89
N ILE A 437 -13.71 5.56 7.56
CA ILE A 437 -14.74 6.52 7.18
C ILE A 437 -14.27 7.96 7.25
N ILE A 438 -13.36 8.25 8.19
CA ILE A 438 -12.84 9.59 8.34
C ILE A 438 -11.36 9.65 7.95
N SER A 439 -10.66 8.52 8.01
CA SER A 439 -9.25 8.54 7.67
C SER A 439 -9.09 8.69 6.16
N ARG A 440 -9.86 7.91 5.42
N ARG A 440 -9.84 7.91 5.40
CA ARG A 440 -9.82 7.92 3.96
CA ARG A 440 -9.75 7.96 3.94
C ARG A 440 -9.98 9.34 3.38
C ARG A 440 -9.95 9.37 3.38
N PRO A 441 -11.07 10.04 3.74
CA PRO A 441 -11.27 11.40 3.21
C PRO A 441 -10.18 12.35 3.72
N SER A 442 -9.55 12.01 4.85
CA SER A 442 -8.49 12.83 5.36
C SER A 442 -7.25 12.61 4.50
N HIS A 443 -7.09 11.40 3.98
CA HIS A 443 -5.95 11.10 3.12
C HIS A 443 -5.95 12.09 1.98
N ILE A 444 -7.09 12.20 1.32
CA ILE A 444 -7.24 13.10 0.19
C ILE A 444 -6.99 14.56 0.54
N PHE A 445 -7.57 14.98 1.67
CA PHE A 445 -7.41 16.35 2.16
C PHE A 445 -5.93 16.72 2.16
N ARG A 446 -5.12 15.93 2.87
CA ARG A 446 -3.68 16.16 2.98
C ARG A 446 -3.00 16.15 1.62
N LEU A 447 -3.40 15.23 0.75
CA LEU A 447 -2.80 15.13 -0.58
C LEU A 447 -3.11 16.30 -1.48
N CYS A 448 -4.39 16.67 -1.58
CA CYS A 448 -4.75 17.80 -2.41
C CYS A 448 -3.97 19.04 -1.96
N ASN A 449 -3.79 19.18 -0.64
CA ASN A 449 -3.06 20.31 -0.07
C ASN A 449 -1.58 20.31 -0.45
N ASP A 450 -0.87 19.25 -0.07
CA ASP A 450 0.56 19.15 -0.38
C ASP A 450 0.83 19.24 -1.88
N LEU A 451 -0.14 18.81 -2.69
CA LEU A 451 0.01 18.87 -4.13
C LEU A 451 0.07 20.33 -4.58
N ALA A 452 -0.67 21.20 -3.90
CA ALA A 452 -0.69 22.62 -4.26
C ALA A 452 0.63 23.29 -3.92
N SER A 453 1.13 22.99 -2.73
CA SER A 453 2.39 23.56 -2.26
C SER A 453 3.62 22.78 -2.73
N ALA A 454 3.43 21.62 -3.35
CA ALA A 454 4.55 20.80 -3.80
C ALA A 454 5.66 21.56 -4.54
N SER A 455 5.32 22.17 -5.68
CA SER A 455 6.29 22.92 -6.49
C SER A 455 7.12 23.92 -5.68
N ALA A 456 6.44 24.88 -5.08
CA ALA A 456 7.12 25.90 -4.29
C ALA A 456 8.04 25.31 -3.23
N GLU A 457 7.47 24.52 -2.31
CA GLU A 457 8.25 23.91 -1.23
C GLU A 457 9.42 23.07 -1.72
N ILE A 458 9.23 22.32 -2.81
CA ILE A 458 10.29 21.48 -3.37
C ILE A 458 11.42 22.35 -3.90
N ALA A 459 11.06 23.34 -4.72
CA ALA A 459 12.02 24.26 -5.32
C ALA A 459 12.71 25.09 -4.25
N ARG A 460 12.09 25.18 -3.08
CA ARG A 460 12.65 25.95 -1.99
C ARG A 460 13.49 25.04 -1.10
N GLY A 461 13.81 23.85 -1.63
CA GLY A 461 14.62 22.90 -0.90
C GLY A 461 13.99 22.21 0.30
N GLU A 462 12.67 22.34 0.44
CA GLU A 462 11.94 21.73 1.55
C GLU A 462 11.55 20.26 1.29
N THR A 463 11.47 19.48 2.36
CA THR A 463 11.12 18.07 2.27
C THR A 463 9.84 17.78 3.07
N ALA A 464 9.29 18.83 3.65
CA ALA A 464 8.07 18.73 4.44
C ALA A 464 6.84 18.76 3.55
N ASN A 465 6.74 17.82 2.62
CA ASN A 465 5.62 17.80 1.70
C ASN A 465 5.43 16.39 1.18
N SER A 466 4.22 15.84 1.30
CA SER A 466 3.98 14.49 0.82
C SER A 466 4.59 14.19 -0.53
N VAL A 467 4.40 15.07 -1.51
CA VAL A 467 4.94 14.84 -2.84
C VAL A 467 6.48 14.74 -2.80
N SER A 468 7.10 15.55 -1.96
CA SER A 468 8.55 15.54 -1.82
C SER A 468 9.00 14.20 -1.22
N CYS A 469 8.30 13.72 -0.20
CA CYS A 469 8.65 12.45 0.41
C CYS A 469 8.49 11.35 -0.59
N TYR A 470 7.46 11.45 -1.41
CA TYR A 470 7.24 10.41 -2.37
C TYR A 470 8.40 10.39 -3.37
N MET A 471 8.97 11.57 -3.65
CA MET A 471 10.10 11.65 -4.56
C MET A 471 11.30 10.93 -3.96
N ARG A 472 11.73 11.37 -2.79
CA ARG A 472 12.88 10.79 -2.12
C ARG A 472 12.74 9.32 -1.82
N THR A 473 11.57 8.93 -1.33
CA THR A 473 11.33 7.54 -0.99
C THR A 473 11.37 6.61 -2.19
N LYS A 474 10.89 7.08 -3.34
CA LYS A 474 10.87 6.28 -4.57
C LYS A 474 11.97 6.68 -5.53
N GLY A 475 12.75 7.70 -5.17
CA GLY A 475 13.81 8.16 -6.05
C GLY A 475 13.29 8.36 -7.46
N ILE A 476 12.37 9.31 -7.62
CA ILE A 476 11.80 9.61 -8.92
C ILE A 476 11.60 11.11 -9.08
N SER A 477 11.39 11.54 -10.32
CA SER A 477 11.18 12.95 -10.65
C SER A 477 9.91 13.51 -10.03
N GLU A 478 9.77 14.83 -10.03
CA GLU A 478 8.60 15.45 -9.47
C GLU A 478 7.36 15.01 -10.27
N GLU A 479 7.44 15.04 -11.60
CA GLU A 479 6.32 14.64 -12.45
C GLU A 479 5.82 13.24 -12.11
N LEU A 480 6.76 12.32 -11.95
CA LEU A 480 6.42 10.94 -11.62
C LEU A 480 5.78 10.86 -10.24
N ALA A 481 6.36 11.59 -9.29
CA ALA A 481 5.85 11.59 -7.92
C ALA A 481 4.44 12.15 -7.90
N THR A 482 4.22 13.22 -8.67
CA THR A 482 2.91 13.85 -8.74
C THR A 482 1.88 12.91 -9.31
N GLU A 483 2.25 12.18 -10.36
CA GLU A 483 1.34 11.22 -10.98
C GLU A 483 0.93 10.16 -9.96
N SER A 484 1.90 9.73 -9.16
CA SER A 484 1.60 8.71 -8.17
C SER A 484 0.64 9.23 -7.10
N VAL A 485 0.83 10.47 -6.68
CA VAL A 485 -0.05 11.06 -5.69
C VAL A 485 -1.47 11.07 -6.25
N MET A 486 -1.59 11.49 -7.50
CA MET A 486 -2.88 11.53 -8.16
C MET A 486 -3.51 10.17 -8.13
N ASN A 487 -2.76 9.14 -8.56
CA ASN A 487 -3.30 7.77 -8.58
C ASN A 487 -3.69 7.29 -7.20
N LEU A 488 -2.93 7.71 -6.20
CA LEU A 488 -3.18 7.32 -4.83
C LEU A 488 -4.52 7.88 -4.39
N ILE A 489 -4.80 9.08 -4.88
CA ILE A 489 -6.05 9.76 -4.60
C ILE A 489 -7.21 9.00 -5.25
N ASP A 490 -7.02 8.58 -6.50
CA ASP A 490 -8.04 7.84 -7.22
C ASP A 490 -8.38 6.54 -6.53
N GLU A 491 -7.37 5.87 -5.99
CA GLU A 491 -7.59 4.61 -5.31
C GLU A 491 -8.32 4.84 -4.02
N THR A 492 -8.07 6.00 -3.40
CA THR A 492 -8.75 6.32 -2.15
C THR A 492 -10.23 6.52 -2.42
N TRP A 493 -10.54 7.29 -3.46
CA TRP A 493 -11.94 7.53 -3.81
C TRP A 493 -12.69 6.20 -3.93
N LYS A 494 -12.12 5.27 -4.68
CA LYS A 494 -12.73 3.95 -4.86
C LYS A 494 -13.08 3.30 -3.53
N LYS A 495 -12.17 3.38 -2.57
CA LYS A 495 -12.42 2.80 -1.26
C LYS A 495 -13.60 3.53 -0.60
N MET A 496 -13.56 4.86 -0.62
CA MET A 496 -14.64 5.66 -0.04
C MET A 496 -15.98 5.31 -0.67
N ASN A 497 -15.98 5.11 -1.99
CA ASN A 497 -17.21 4.78 -2.67
C ASN A 497 -17.80 3.49 -2.14
N LYS A 498 -16.93 2.55 -1.74
CA LYS A 498 -17.39 1.27 -1.19
C LYS A 498 -18.04 1.47 0.17
N GLU A 499 -17.41 2.29 1.01
CA GLU A 499 -17.94 2.56 2.33
C GLU A 499 -19.36 3.10 2.21
N LYS A 500 -19.58 3.99 1.24
CA LYS A 500 -20.89 4.61 1.02
C LYS A 500 -21.91 3.65 0.42
N LEU A 501 -21.44 2.77 -0.44
CA LEU A 501 -22.32 1.81 -1.10
C LEU A 501 -22.93 0.81 -0.15
N GLY A 502 -22.08 0.16 0.63
CA GLY A 502 -22.58 -0.81 1.58
C GLY A 502 -21.58 -1.08 2.67
N GLY A 503 -21.84 -2.17 3.41
CA GLY A 503 -20.97 -2.57 4.50
C GLY A 503 -20.46 -1.38 5.30
N SER A 504 -21.36 -0.61 5.86
CA SER A 504 -20.94 0.53 6.65
C SER A 504 -21.55 0.46 8.04
N LEU A 505 -20.76 0.85 9.04
CA LEU A 505 -21.22 0.84 10.42
C LEU A 505 -21.94 2.15 10.71
N PHE A 506 -21.48 3.22 10.07
CA PHE A 506 -22.06 4.54 10.26
C PHE A 506 -23.25 4.80 9.36
N ALA A 507 -24.01 5.84 9.70
CA ALA A 507 -25.18 6.21 8.94
C ALA A 507 -24.73 6.83 7.62
N LYS A 508 -25.50 6.59 6.55
CA LYS A 508 -25.16 7.14 5.24
C LYS A 508 -24.88 8.66 5.32
N PRO A 509 -25.73 9.42 6.03
CA PRO A 509 -25.59 10.88 6.20
C PRO A 509 -24.19 11.32 6.59
N PHE A 510 -23.66 10.66 7.61
CA PHE A 510 -22.33 10.98 8.08
C PHE A 510 -21.29 10.55 7.04
N VAL A 511 -21.51 9.40 6.40
CA VAL A 511 -20.57 8.94 5.39
C VAL A 511 -20.47 9.99 4.29
N GLU A 512 -21.59 10.60 3.94
CA GLU A 512 -21.58 11.61 2.88
C GLU A 512 -20.91 12.88 3.40
N THR A 513 -21.08 13.15 4.70
CA THR A 513 -20.47 14.31 5.30
C THR A 513 -18.95 14.11 5.28
N ALA A 514 -18.51 12.91 5.66
CA ALA A 514 -17.09 12.60 5.66
C ALA A 514 -16.52 12.79 4.26
N ILE A 515 -17.19 12.20 3.28
CA ILE A 515 -16.79 12.27 1.88
C ILE A 515 -16.74 13.73 1.42
N ASN A 516 -17.69 14.52 1.92
CA ASN A 516 -17.71 15.94 1.59
C ASN A 516 -16.37 16.61 1.88
N LEU A 517 -15.71 16.19 2.96
CA LEU A 517 -14.42 16.79 3.27
C LEU A 517 -13.45 16.56 2.11
N ALA A 518 -13.55 15.42 1.45
CA ALA A 518 -12.67 15.14 0.32
C ALA A 518 -13.09 16.08 -0.80
N ARG A 519 -14.39 16.19 -0.99
CA ARG A 519 -14.91 17.06 -2.04
C ARG A 519 -14.43 18.49 -1.87
N GLN A 520 -14.54 19.02 -0.65
CA GLN A 520 -14.10 20.37 -0.34
C GLN A 520 -12.60 20.54 -0.61
N SER A 521 -11.81 19.50 -0.33
CA SER A 521 -10.37 19.56 -0.57
C SER A 521 -10.07 19.74 -2.05
N HIS A 522 -10.83 19.06 -2.88
CA HIS A 522 -10.65 19.15 -4.31
C HIS A 522 -11.04 20.52 -4.82
N CYS A 523 -12.09 21.08 -4.22
CA CYS A 523 -12.59 22.39 -4.62
C CYS A 523 -11.79 23.56 -4.03
N THR A 524 -11.02 23.29 -2.98
CA THR A 524 -10.25 24.34 -2.34
C THR A 524 -8.82 24.51 -2.86
N TYR A 525 -8.17 23.41 -3.20
CA TYR A 525 -6.81 23.49 -3.71
C TYR A 525 -6.86 23.30 -5.22
N HIS A 526 -6.76 24.41 -5.93
CA HIS A 526 -6.80 24.39 -7.40
C HIS A 526 -5.77 25.34 -8.01
N ASN A 527 -5.97 25.69 -9.27
CA ASN A 527 -5.09 26.63 -10.00
C ASN A 527 -5.91 27.74 -10.64
N GLY A 528 -6.95 27.37 -11.40
CA GLY A 528 -7.79 28.35 -12.05
C GLY A 528 -7.69 28.33 -13.56
N THR A 532 -8.18 31.30 -14.80
CA THR A 532 -7.83 32.54 -14.11
C THR A 532 -6.84 32.32 -12.96
N SER A 533 -6.62 33.36 -12.15
CA SER A 533 -5.71 33.29 -11.02
C SER A 533 -6.19 32.37 -9.91
N PRO A 534 -5.26 31.66 -9.23
CA PRO A 534 -5.63 30.76 -8.14
C PRO A 534 -6.37 31.50 -7.04
N ASP A 535 -5.81 32.63 -6.63
CA ASP A 535 -6.43 33.42 -5.58
C ASP A 535 -7.70 34.09 -6.09
N GLU A 536 -7.81 34.20 -7.41
CA GLU A 536 -8.96 34.85 -8.01
C GLU A 536 -10.19 33.95 -8.08
N LEU A 537 -10.00 32.70 -8.52
CA LEU A 537 -11.12 31.77 -8.60
C LEU A 537 -11.69 31.59 -7.21
N THR A 538 -10.81 31.64 -6.21
CA THR A 538 -11.22 31.50 -4.82
C THR A 538 -12.13 32.66 -4.39
N ARG A 539 -11.61 33.88 -4.49
CA ARG A 539 -12.38 35.06 -4.12
C ARG A 539 -13.76 35.05 -4.79
N LYS A 540 -13.81 34.64 -6.06
CA LYS A 540 -15.07 34.58 -6.78
C LYS A 540 -16.04 33.59 -6.11
N ARG A 541 -15.56 32.36 -5.94
CA ARG A 541 -16.35 31.29 -5.33
C ARG A 541 -16.90 31.66 -3.95
N VAL A 542 -16.00 32.14 -3.10
CA VAL A 542 -16.37 32.55 -1.76
C VAL A 542 -17.50 33.58 -1.80
N LEU A 543 -17.47 34.46 -2.80
CA LEU A 543 -18.50 35.48 -2.94
C LEU A 543 -19.77 34.90 -3.53
N SER A 544 -19.63 33.91 -4.39
CA SER A 544 -20.78 33.27 -5.04
C SER A 544 -21.44 32.27 -4.11
N VAL A 545 -20.66 31.75 -3.17
CA VAL A 545 -21.19 30.77 -2.24
C VAL A 545 -21.67 31.37 -0.94
N ILE A 546 -21.12 32.52 -0.56
CA ILE A 546 -21.52 33.16 0.70
C ILE A 546 -22.12 34.57 0.61
N THR A 547 -21.34 35.50 0.08
CA THR A 547 -21.74 36.90 -0.01
C THR A 547 -22.88 37.27 -0.97
N GLU A 548 -22.57 37.35 -2.26
CA GLU A 548 -23.52 37.73 -3.29
C GLU A 548 -24.54 36.65 -3.65
N PRO A 549 -25.83 37.01 -3.73
CA PRO A 549 -26.86 36.03 -4.08
C PRO A 549 -26.89 35.88 -5.59
N ILE A 550 -27.66 34.91 -6.08
CA ILE A 550 -27.77 34.68 -7.51
C ILE A 550 -28.75 35.71 -8.10
N LEU A 551 -28.44 36.22 -9.29
CA LEU A 551 -29.31 37.19 -9.95
C LEU A 551 -30.72 36.62 -10.05
N PRO A 552 -31.75 37.42 -9.71
CA PRO A 552 -33.16 37.03 -9.74
C PRO A 552 -33.62 36.40 -11.04
N PHE A 553 -34.73 35.67 -10.98
CA PHE A 553 -35.31 35.00 -12.14
C PHE A 553 -36.03 36.02 -13.03
N GLU A 554 -35.86 35.89 -14.35
CA GLU A 554 -36.50 36.80 -15.32
C GLU A 554 -37.76 36.21 -15.95
N ASN B 23 3.00 -28.90 17.92
CA ASN B 23 4.12 -28.47 17.05
C ASN B 23 4.58 -29.63 16.18
N SER B 24 4.72 -29.36 14.88
CA SER B 24 5.15 -30.37 13.91
C SER B 24 6.59 -30.78 14.11
N TRP B 25 7.37 -29.89 14.74
CA TRP B 25 8.78 -30.13 14.99
C TRP B 25 9.13 -30.63 16.39
N ASP B 26 8.12 -30.87 17.23
CA ASP B 26 8.39 -31.35 18.58
C ASP B 26 9.21 -32.63 18.51
N TYR B 27 10.10 -32.82 19.47
CA TYR B 27 10.94 -34.00 19.54
C TYR B 27 10.15 -35.24 19.96
N ASP B 28 8.97 -35.02 20.55
CA ASP B 28 8.11 -36.11 20.97
C ASP B 28 7.37 -36.67 19.76
N PHE B 29 7.12 -35.79 18.78
CA PHE B 29 6.42 -36.18 17.58
C PHE B 29 7.36 -36.25 16.37
N LEU B 30 8.66 -36.38 16.63
CA LEU B 30 9.64 -36.45 15.55
C LEU B 30 10.79 -37.43 15.84
N LEU B 31 11.06 -37.70 17.11
CA LEU B 31 12.12 -38.63 17.52
C LEU B 31 11.56 -39.87 18.23
N SER B 32 10.73 -40.63 17.52
CA SER B 32 10.11 -41.84 18.06
C SER B 32 10.25 -43.00 17.09
N VAL B 41 16.74 -41.35 25.75
CA VAL B 41 17.33 -41.65 24.44
C VAL B 41 17.83 -40.37 23.78
N TYR B 42 17.95 -40.39 22.46
CA TYR B 42 18.41 -39.25 21.69
C TYR B 42 17.35 -38.15 21.82
N LYS B 43 16.10 -38.58 21.82
CA LYS B 43 14.94 -37.70 21.94
C LYS B 43 14.89 -37.00 23.30
N ASP B 44 15.06 -37.76 24.38
CA ASP B 44 15.01 -37.20 25.73
C ASP B 44 16.12 -36.19 26.02
N LYS B 45 17.25 -36.33 25.35
CA LYS B 45 18.38 -35.42 25.55
C LYS B 45 18.02 -34.05 25.04
N ALA B 46 17.48 -34.00 23.82
CA ALA B 46 17.10 -32.74 23.19
C ALA B 46 16.07 -31.97 24.01
N LYS B 47 15.00 -32.66 24.41
CA LYS B 47 13.95 -32.06 25.20
C LYS B 47 14.54 -31.31 26.41
N LYS B 48 15.42 -31.99 27.14
CA LYS B 48 16.08 -31.41 28.31
C LYS B 48 16.77 -30.09 27.96
N LEU B 49 17.52 -30.12 26.87
CA LEU B 49 18.24 -28.95 26.40
C LEU B 49 17.22 -27.88 25.97
N GLU B 50 16.28 -28.27 25.13
CA GLU B 50 15.28 -27.32 24.67
C GLU B 50 14.63 -26.53 25.79
N ALA B 51 14.25 -27.20 26.88
CA ALA B 51 13.61 -26.54 28.02
C ALA B 51 14.50 -25.47 28.64
N GLU B 52 15.77 -25.82 28.87
CA GLU B 52 16.71 -24.90 29.44
C GLU B 52 16.84 -23.62 28.61
N VAL B 53 16.91 -23.77 27.30
CA VAL B 53 17.01 -22.60 26.44
C VAL B 53 15.76 -21.76 26.59
N ARG B 54 14.59 -22.40 26.55
CA ARG B 54 13.32 -21.68 26.69
C ARG B 54 13.31 -20.91 28.00
N ARG B 55 13.91 -21.52 29.02
CA ARG B 55 14.00 -20.92 30.34
C ARG B 55 14.81 -19.63 30.28
N GLU B 56 15.93 -19.68 29.56
CA GLU B 56 16.78 -18.51 29.42
C GLU B 56 16.18 -17.39 28.58
N ILE B 57 15.36 -17.76 27.59
CA ILE B 57 14.76 -16.75 26.74
C ILE B 57 13.60 -16.09 27.48
N ASN B 58 12.98 -16.87 28.37
CA ASN B 58 11.85 -16.40 29.16
C ASN B 58 12.24 -15.74 30.48
N ASN B 59 13.50 -15.85 30.87
CA ASN B 59 13.98 -15.26 32.10
C ASN B 59 13.72 -13.75 32.07
N GLU B 60 12.78 -13.31 32.89
N GLU B 60 12.76 -13.28 32.86
CA GLU B 60 12.39 -11.90 32.98
CA GLU B 60 12.46 -11.83 32.88
C GLU B 60 13.33 -11.11 33.89
C GLU B 60 13.38 -11.06 33.82
N LYS B 61 14.49 -11.68 34.19
CA LYS B 61 15.46 -11.06 35.09
C LYS B 61 16.83 -10.96 34.43
N ALA B 62 16.86 -11.16 33.11
CA ALA B 62 18.11 -11.12 32.36
C ALA B 62 18.38 -9.73 31.82
N GLU B 63 19.65 -9.37 31.71
CA GLU B 63 20.02 -8.06 31.17
C GLU B 63 19.62 -8.04 29.71
N PHE B 64 18.75 -7.10 29.35
CA PHE B 64 18.28 -7.03 27.98
C PHE B 64 19.34 -7.27 26.91
N LEU B 65 20.48 -6.61 27.00
CA LEU B 65 21.50 -6.83 25.99
C LEU B 65 21.93 -8.28 25.95
N THR B 66 22.10 -8.89 27.12
CA THR B 66 22.53 -10.29 27.22
C THR B 66 21.47 -11.18 26.57
N LEU B 67 20.22 -10.84 26.85
CA LEU B 67 19.07 -11.56 26.35
C LEU B 67 18.96 -11.46 24.83
N LEU B 68 19.16 -10.25 24.31
CA LEU B 68 19.08 -10.04 22.85
C LEU B 68 20.18 -10.86 22.18
N GLU B 69 21.35 -10.92 22.80
CA GLU B 69 22.46 -11.68 22.21
C GLU B 69 22.17 -13.19 22.23
N LEU B 70 21.44 -13.63 23.23
CA LEU B 70 21.06 -15.03 23.34
C LEU B 70 20.17 -15.35 22.16
N ILE B 71 19.16 -14.51 21.98
CA ILE B 71 18.21 -14.65 20.90
C ILE B 71 18.96 -14.70 19.57
N ASP B 72 19.90 -13.79 19.40
CA ASP B 72 20.68 -13.71 18.17
C ASP B 72 21.42 -15.00 17.87
N ASN B 73 22.02 -15.60 18.90
CA ASN B 73 22.75 -16.85 18.76
C ASN B 73 21.79 -17.99 18.42
N VAL B 74 20.71 -18.09 19.19
CA VAL B 74 19.71 -19.11 18.98
C VAL B 74 19.30 -19.06 17.53
N GLN B 75 19.00 -17.86 17.05
CA GLN B 75 18.57 -17.72 15.67
C GLN B 75 19.62 -18.10 14.64
N ARG B 76 20.84 -17.56 14.74
CA ARG B 76 21.88 -17.89 13.76
C ARG B 76 22.22 -19.38 13.75
N LEU B 77 22.14 -20.00 14.94
CA LEU B 77 22.43 -21.42 15.10
C LEU B 77 21.37 -22.28 14.44
N GLY B 78 20.30 -21.65 13.95
CA GLY B 78 19.24 -22.38 13.29
C GLY B 78 18.11 -22.85 14.20
N LEU B 79 17.98 -22.26 15.37
CA LEU B 79 16.92 -22.66 16.31
C LEU B 79 15.76 -21.68 16.41
N GLY B 80 15.82 -20.59 15.65
CA GLY B 80 14.78 -19.59 15.70
C GLY B 80 13.37 -20.13 15.51
N TYR B 81 13.20 -21.01 14.52
CA TYR B 81 11.89 -21.58 14.22
C TYR B 81 11.30 -22.36 15.38
N ARG B 82 12.15 -22.72 16.31
CA ARG B 82 11.74 -23.52 17.45
C ARG B 82 11.32 -22.72 18.69
N PHE B 83 11.77 -21.47 18.79
CA PHE B 83 11.45 -20.62 19.96
C PHE B 83 10.81 -19.32 19.53
N GLU B 84 10.17 -19.35 18.36
CA GLU B 84 9.52 -18.17 17.81
C GLU B 84 8.64 -17.46 18.84
N SER B 85 7.74 -18.19 19.46
CA SER B 85 6.85 -17.61 20.46
C SER B 85 7.58 -17.01 21.65
N ASP B 86 8.56 -17.72 22.18
CA ASP B 86 9.33 -17.25 23.34
C ASP B 86 10.08 -15.97 22.99
N ILE B 87 10.69 -15.96 21.81
CA ILE B 87 11.45 -14.81 21.33
C ILE B 87 10.58 -13.58 21.21
N ARG B 88 9.42 -13.74 20.59
CA ARG B 88 8.50 -12.61 20.42
C ARG B 88 8.10 -12.02 21.76
N ARG B 89 7.76 -12.85 22.73
CA ARG B 89 7.38 -12.33 24.04
C ARG B 89 8.53 -11.59 24.71
N ALA B 90 9.75 -12.05 24.50
CA ALA B 90 10.90 -11.38 25.09
C ALA B 90 11.02 -9.99 24.48
N LEU B 91 11.02 -9.94 23.15
CA LEU B 91 11.13 -8.67 22.47
C LEU B 91 9.97 -7.80 22.83
N ASP B 92 8.83 -8.41 23.09
CA ASP B 92 7.64 -7.67 23.46
C ASP B 92 7.82 -6.97 24.80
N ARG B 93 8.27 -7.71 25.79
CA ARG B 93 8.48 -7.14 27.10
C ARG B 93 9.76 -6.32 27.15
N PHE B 94 10.43 -6.24 26.00
CA PHE B 94 11.65 -5.44 25.91
C PHE B 94 11.20 -4.05 25.47
N VAL B 95 10.22 -4.02 24.58
CA VAL B 95 9.66 -2.76 24.08
C VAL B 95 8.82 -2.17 25.19
N SER B 96 7.78 -2.89 25.60
CA SER B 96 6.90 -2.41 26.66
C SER B 96 7.69 -1.88 27.86
N SER B 97 8.75 -2.58 28.25
CA SER B 97 9.56 -2.11 29.39
C SER B 97 10.30 -0.84 29.00
N GLY B 98 10.14 -0.42 27.75
CA GLY B 98 10.80 0.78 27.27
C GLY B 98 12.32 0.66 27.22
N GLY B 99 12.82 -0.53 27.52
CA GLY B 99 14.24 -0.77 27.51
C GLY B 99 14.92 -0.34 26.23
N PHE B 100 14.24 -0.51 25.10
CA PHE B 100 14.76 -0.14 23.77
C PHE B 100 15.05 1.35 23.63
N ASP B 101 14.39 2.14 24.46
CA ASP B 101 14.57 3.59 24.41
C ASP B 101 15.90 3.97 25.07
N GLY B 102 16.22 3.31 26.17
CA GLY B 102 17.47 3.57 26.88
C GLY B 102 18.65 2.89 26.20
N VAL B 103 18.34 1.88 25.38
CA VAL B 103 19.35 1.13 24.63
C VAL B 103 19.92 1.98 23.47
N THR B 104 19.04 2.61 22.70
CA THR B 104 19.43 3.45 21.57
C THR B 104 20.22 4.68 22.00
N LYS B 105 20.20 4.97 23.29
CA LYS B 105 20.91 6.12 23.81
C LYS B 105 22.13 5.70 24.61
N THR B 106 22.59 4.46 24.42
CA THR B 106 23.76 4.01 25.16
C THR B 106 24.74 3.22 24.34
N SER B 107 24.23 2.30 23.49
CA SER B 107 25.09 1.44 22.68
C SER B 107 24.69 1.33 21.21
N LEU B 108 25.66 1.51 20.31
CA LEU B 108 25.41 1.41 18.88
C LEU B 108 24.98 -0.02 18.60
N HIS B 109 25.81 -0.95 19.07
CA HIS B 109 25.58 -2.37 18.91
C HIS B 109 24.22 -2.78 19.44
N ALA B 110 23.96 -2.45 20.70
CA ALA B 110 22.70 -2.80 21.33
C ALA B 110 21.52 -2.30 20.50
N THR B 111 21.64 -1.07 20.01
CA THR B 111 20.61 -0.45 19.19
C THR B 111 20.43 -1.17 17.87
N ALA B 112 21.54 -1.42 17.18
CA ALA B 112 21.47 -2.10 15.90
C ALA B 112 20.90 -3.50 16.09
N LEU B 113 21.40 -4.23 17.09
CA LEU B 113 20.91 -5.59 17.34
C LEU B 113 19.40 -5.61 17.62
N SER B 114 18.96 -4.72 18.51
CA SER B 114 17.54 -4.68 18.83
C SER B 114 16.74 -4.25 17.59
N PHE B 115 17.24 -3.27 16.84
CA PHE B 115 16.53 -2.82 15.66
C PHE B 115 16.27 -3.97 14.68
N ARG B 116 17.29 -4.76 14.41
CA ARG B 116 17.14 -5.88 13.48
C ARG B 116 16.18 -6.92 14.04
N LEU B 117 16.39 -7.36 15.28
CA LEU B 117 15.51 -8.37 15.86
C LEU B 117 14.06 -7.88 15.92
N LEU B 118 13.86 -6.63 16.32
CA LEU B 118 12.50 -6.10 16.39
C LEU B 118 11.82 -6.16 15.03
N ARG B 119 12.44 -5.57 14.02
CA ARG B 119 11.85 -5.59 12.67
C ARG B 119 11.71 -7.01 12.14
N GLN B 120 12.68 -7.86 12.45
CA GLN B 120 12.63 -9.24 12.02
C GLN B 120 11.34 -9.90 12.48
N HIS B 121 10.90 -9.56 13.68
CA HIS B 121 9.70 -10.17 14.19
C HIS B 121 8.45 -9.32 14.07
N GLY B 122 8.40 -8.53 13.01
CA GLY B 122 7.24 -7.69 12.74
C GLY B 122 7.02 -6.46 13.59
N PHE B 123 7.89 -6.21 14.56
CA PHE B 123 7.75 -5.01 15.41
C PHE B 123 8.04 -3.77 14.59
N GLU B 124 7.54 -2.64 15.08
CA GLU B 124 7.72 -1.35 14.41
C GLU B 124 8.87 -0.53 14.98
N VAL B 125 9.89 -0.33 14.15
CA VAL B 125 11.04 0.45 14.53
C VAL B 125 11.31 1.45 13.43
N SER B 126 11.82 2.61 13.83
CA SER B 126 12.11 3.71 12.93
C SER B 126 13.59 3.87 12.63
N GLN B 127 13.91 4.44 11.47
CA GLN B 127 15.30 4.64 11.12
C GLN B 127 15.97 5.67 12.02
N GLU B 128 15.18 6.58 12.58
CA GLU B 128 15.73 7.63 13.44
C GLU B 128 16.30 7.11 14.75
N ALA B 129 16.26 5.80 14.98
CA ALA B 129 16.81 5.24 16.21
C ALA B 129 18.33 5.24 16.14
N PHE B 130 18.86 5.54 14.95
CA PHE B 130 20.31 5.59 14.74
C PHE B 130 20.77 7.03 14.62
N SER B 131 19.83 7.97 14.67
CA SER B 131 20.17 9.38 14.54
C SER B 131 21.15 9.87 15.60
N GLY B 132 21.09 9.27 16.78
CA GLY B 132 21.98 9.69 17.84
C GLY B 132 23.44 9.32 17.59
N PHE B 133 23.71 8.65 16.48
CA PHE B 133 25.08 8.24 16.16
C PHE B 133 25.65 9.04 15.00
N LYS B 134 25.06 10.19 14.74
CA LYS B 134 25.50 11.06 13.66
C LYS B 134 26.09 12.34 14.25
N ASP B 135 27.00 12.97 13.50
CA ASP B 135 27.63 14.22 13.93
C ASP B 135 26.75 15.40 13.53
N GLN B 136 27.36 16.57 13.34
CA GLN B 136 26.64 17.78 12.97
C GLN B 136 26.21 17.78 11.50
N ASN B 137 27.13 17.36 10.64
CA ASN B 137 26.86 17.32 9.20
C ASN B 137 26.06 16.08 8.82
N GLY B 138 25.61 15.34 9.81
CA GLY B 138 24.84 14.13 9.54
C GLY B 138 25.70 12.98 9.05
N ASN B 139 26.83 12.76 9.72
CA ASN B 139 27.71 11.65 9.33
C ASN B 139 27.96 10.78 10.55
N PHE B 140 27.94 9.47 10.36
CA PHE B 140 28.19 8.58 11.47
C PHE B 140 29.56 8.90 12.05
N LEU B 141 29.61 9.04 13.37
CA LEU B 141 30.85 9.37 14.05
C LEU B 141 31.93 8.34 13.71
N GLU B 142 33.16 8.81 13.62
CA GLU B 142 34.28 7.94 13.31
C GLU B 142 34.63 7.12 14.52
N ASN B 143 34.52 7.72 15.71
CA ASN B 143 34.84 7.02 16.95
C ASN B 143 34.12 5.69 17.11
N LEU B 144 33.10 5.45 16.30
CA LEU B 144 32.35 4.20 16.36
C LEU B 144 33.16 3.06 15.73
N LYS B 145 34.00 3.41 14.77
CA LYS B 145 34.83 2.42 14.08
C LYS B 145 35.75 1.65 15.01
N GLU B 146 35.92 2.16 16.22
CA GLU B 146 36.76 1.51 17.23
C GLU B 146 36.05 0.32 17.88
N ASP B 147 34.98 -0.16 17.25
CA ASP B 147 34.19 -1.29 17.77
C ASP B 147 33.59 -2.09 16.63
N THR B 148 34.39 -2.99 16.06
CA THR B 148 33.95 -3.82 14.95
C THR B 148 32.60 -4.49 15.24
N LYS B 149 32.48 -5.02 16.45
CA LYS B 149 31.26 -5.69 16.86
C LYS B 149 30.02 -4.82 16.65
N ALA B 150 30.11 -3.53 17.00
CA ALA B 150 28.99 -2.62 16.81
C ALA B 150 28.77 -2.34 15.33
N ILE B 151 29.87 -2.14 14.61
CA ILE B 151 29.78 -1.86 13.19
C ILE B 151 29.21 -3.07 12.46
N LEU B 152 29.51 -4.27 12.92
CA LEU B 152 28.95 -5.45 12.27
C LEU B 152 27.44 -5.48 12.49
N SER B 153 27.01 -5.07 13.67
CA SER B 153 25.59 -5.05 13.98
C SER B 153 24.85 -4.05 13.13
N LEU B 154 25.42 -2.85 13.01
CA LEU B 154 24.82 -1.81 12.22
C LEU B 154 24.70 -2.34 10.79
N TYR B 155 25.79 -2.86 10.27
CA TYR B 155 25.81 -3.41 8.91
C TYR B 155 24.66 -4.40 8.71
N GLU B 156 24.59 -5.40 9.59
CA GLU B 156 23.54 -6.42 9.54
C GLU B 156 22.14 -5.79 9.55
N ALA B 157 21.93 -4.79 10.40
CA ALA B 157 20.63 -4.15 10.48
C ALA B 157 20.30 -3.38 9.21
N SER B 158 21.31 -2.80 8.58
CA SER B 158 21.08 -2.00 7.36
C SER B 158 20.31 -2.72 6.27
N PHE B 159 20.28 -4.05 6.30
CA PHE B 159 19.60 -4.80 5.24
C PHE B 159 18.10 -4.99 5.42
N LEU B 160 17.61 -4.72 6.62
CA LEU B 160 16.16 -4.81 6.87
C LEU B 160 15.51 -3.46 6.51
N ALA B 161 16.28 -2.62 5.82
CA ALA B 161 15.80 -1.30 5.43
C ALA B 161 14.60 -1.27 4.48
N LEU B 162 13.81 -0.21 4.62
CA LEU B 162 12.63 -0.01 3.78
C LEU B 162 12.90 1.16 2.85
N GLU B 163 12.17 1.21 1.73
CA GLU B 163 12.34 2.31 0.80
C GLU B 163 12.26 3.61 1.57
N GLY B 164 13.21 4.50 1.29
CA GLY B 164 13.21 5.79 1.95
C GLY B 164 14.07 5.92 3.20
N GLU B 165 14.41 4.81 3.86
CA GLU B 165 15.23 4.89 5.06
C GLU B 165 16.67 5.16 4.62
N ASN B 166 16.95 6.42 4.35
CA ASN B 166 18.25 6.88 3.90
C ASN B 166 19.33 6.67 4.95
N ILE B 167 18.97 6.88 6.21
CA ILE B 167 19.91 6.72 7.31
C ILE B 167 20.51 5.31 7.31
N LEU B 168 19.69 4.34 6.94
CA LEU B 168 20.15 2.95 6.89
C LEU B 168 21.06 2.72 5.71
N ASP B 169 20.73 3.32 4.57
CA ASP B 169 21.56 3.17 3.37
C ASP B 169 22.93 3.75 3.64
N GLU B 170 22.96 4.88 4.34
CA GLU B 170 24.18 5.55 4.67
C GLU B 170 24.97 4.69 5.64
N ALA B 171 24.25 4.10 6.59
CA ALA B 171 24.90 3.23 7.55
C ALA B 171 25.61 2.08 6.83
N ARG B 172 24.94 1.43 5.87
CA ARG B 172 25.59 0.34 5.17
C ARG B 172 26.89 0.80 4.53
N VAL B 173 26.90 2.02 4.02
CA VAL B 173 28.12 2.51 3.40
C VAL B 173 29.16 2.72 4.48
N PHE B 174 28.83 3.53 5.46
CA PHE B 174 29.75 3.79 6.55
C PHE B 174 30.34 2.49 7.11
N ALA B 175 29.52 1.44 7.21
CA ALA B 175 30.00 0.16 7.75
C ALA B 175 30.91 -0.59 6.78
N ILE B 176 30.44 -0.81 5.57
CA ILE B 176 31.23 -1.53 4.59
C ILE B 176 32.60 -0.90 4.41
N SER B 177 32.66 0.43 4.34
CA SER B 177 33.94 1.11 4.15
C SER B 177 34.91 0.71 5.24
N HIS B 178 34.39 0.51 6.44
CA HIS B 178 35.24 0.14 7.55
C HIS B 178 35.64 -1.34 7.56
N LEU B 179 34.65 -2.22 7.61
CA LEU B 179 34.88 -3.65 7.64
C LEU B 179 35.81 -4.15 6.55
N LYS B 180 35.71 -3.53 5.37
CA LYS B 180 36.52 -3.90 4.22
C LYS B 180 38.02 -3.85 4.45
N GLU B 181 38.46 -2.90 5.27
CA GLU B 181 39.89 -2.72 5.55
C GLU B 181 40.42 -3.56 6.69
N LEU B 182 39.52 -4.21 7.42
CA LEU B 182 39.90 -5.05 8.54
C LEU B 182 40.65 -6.32 8.13
N SER B 183 41.67 -6.67 8.91
CA SER B 183 42.47 -7.87 8.66
C SER B 183 42.56 -8.68 9.93
N GLU B 184 42.90 -9.96 9.77
CA GLU B 184 43.03 -10.85 10.92
C GLU B 184 44.04 -10.25 11.89
N GLU B 185 45.02 -9.54 11.37
CA GLU B 185 46.06 -8.95 12.20
C GLU B 185 45.57 -7.86 13.14
N LYS B 186 44.53 -7.14 12.72
CA LYS B 186 44.00 -6.04 13.50
C LYS B 186 42.99 -6.42 14.57
N ILE B 187 42.06 -7.31 14.21
CA ILE B 187 41.00 -7.74 15.12
C ILE B 187 41.11 -9.15 15.70
N GLY B 188 41.86 -10.01 15.04
CA GLY B 188 42.01 -11.38 15.52
C GLY B 188 41.29 -12.35 14.60
N LYS B 189 41.76 -13.59 14.56
CA LYS B 189 41.16 -14.60 13.70
C LYS B 189 39.63 -14.71 13.80
N GLU B 190 39.11 -14.83 15.03
CA GLU B 190 37.67 -14.96 15.24
C GLU B 190 36.85 -13.82 14.64
N LEU B 191 37.02 -12.63 15.21
CA LEU B 191 36.30 -11.46 14.75
C LEU B 191 36.53 -11.19 13.27
N ALA B 192 37.56 -11.79 12.70
CA ALA B 192 37.89 -11.61 11.29
C ALA B 192 37.02 -12.51 10.42
N GLU B 193 36.86 -13.75 10.86
CA GLU B 193 36.05 -14.72 10.12
C GLU B 193 34.63 -14.19 10.07
N GLN B 194 34.19 -13.60 11.17
N GLN B 194 34.19 -13.60 11.17
CA GLN B 194 32.84 -13.06 11.23
CA GLN B 194 32.84 -13.04 11.26
C GLN B 194 32.68 -12.00 10.15
C GLN B 194 32.66 -11.98 10.18
N VAL B 195 33.65 -11.10 10.05
CA VAL B 195 33.59 -10.03 9.05
C VAL B 195 33.60 -10.53 7.60
N ASN B 196 34.43 -11.53 7.30
CA ASN B 196 34.47 -12.07 5.95
C ASN B 196 33.13 -12.69 5.64
N HIS B 197 32.59 -13.36 6.64
CA HIS B 197 31.30 -14.02 6.52
C HIS B 197 30.19 -13.01 6.21
N ALA B 198 30.13 -11.91 6.96
CA ALA B 198 29.11 -10.88 6.74
C ALA B 198 29.28 -10.22 5.37
N LEU B 199 30.51 -9.93 4.98
CA LEU B 199 30.79 -9.30 3.69
C LEU B 199 30.45 -10.22 2.52
N GLU B 200 30.54 -11.52 2.76
CA GLU B 200 30.23 -12.50 1.73
C GLU B 200 28.72 -12.41 1.47
N LEU B 201 27.94 -12.30 2.54
CA LEU B 201 26.49 -12.20 2.45
C LEU B 201 25.96 -11.88 3.85
N PRO B 202 25.12 -10.85 3.97
CA PRO B 202 24.57 -10.48 5.27
C PRO B 202 23.53 -11.49 5.77
N LEU B 203 23.35 -11.54 7.09
CA LEU B 203 22.40 -12.44 7.72
C LEU B 203 21.03 -12.45 7.06
N HIS B 204 20.49 -11.26 6.82
CA HIS B 204 19.18 -11.11 6.23
C HIS B 204 19.03 -11.75 4.86
N ARG B 205 20.14 -11.97 4.17
CA ARG B 205 20.07 -12.56 2.84
C ARG B 205 20.55 -13.99 2.73
N ARG B 206 21.19 -14.49 3.77
CA ARG B 206 21.67 -15.85 3.74
C ARG B 206 20.54 -16.80 4.14
N THR B 207 20.53 -18.00 3.54
CA THR B 207 19.51 -19.00 3.85
C THR B 207 19.78 -19.51 5.26
N GLN B 208 18.69 -19.76 5.98
CA GLN B 208 18.76 -20.21 7.37
C GLN B 208 19.66 -21.44 7.61
N ARG B 209 19.60 -22.39 6.69
CA ARG B 209 20.39 -23.59 6.82
C ARG B 209 21.88 -23.32 6.63
N LEU B 210 22.23 -22.52 5.64
CA LEU B 210 23.63 -22.20 5.39
C LEU B 210 24.23 -21.41 6.53
N GLU B 211 23.42 -20.58 7.17
CA GLU B 211 23.89 -19.77 8.30
C GLU B 211 24.14 -20.69 9.49
N ALA B 212 23.18 -21.58 9.78
CA ALA B 212 23.28 -22.51 10.90
C ALA B 212 24.55 -23.34 10.78
N VAL B 213 24.85 -23.81 9.57
CA VAL B 213 26.06 -24.61 9.37
C VAL B 213 27.27 -23.82 9.78
N TRP B 214 27.48 -22.69 9.15
CA TRP B 214 28.63 -21.84 9.44
C TRP B 214 28.66 -21.47 10.92
N SER B 215 27.56 -20.89 11.40
CA SER B 215 27.46 -20.45 12.80
C SER B 215 27.79 -21.49 13.87
N ILE B 216 27.36 -22.73 13.68
CA ILE B 216 27.66 -23.76 14.66
C ILE B 216 29.17 -24.07 14.67
N GLU B 217 29.78 -24.18 13.49
CA GLU B 217 31.21 -24.48 13.41
C GLU B 217 32.06 -23.39 14.05
N ALA B 218 31.55 -22.16 14.06
CA ALA B 218 32.31 -21.06 14.65
C ALA B 218 31.98 -20.90 16.12
N TYR B 219 30.78 -21.33 16.49
CA TYR B 219 30.35 -21.20 17.85
C TYR B 219 31.00 -22.25 18.74
N ARG B 220 31.25 -23.44 18.22
CA ARG B 220 31.87 -24.49 19.02
C ARG B 220 33.33 -24.22 19.35
N LYS B 221 33.91 -23.19 18.74
CA LYS B 221 35.30 -22.82 19.00
C LYS B 221 35.40 -21.85 20.17
N LYS B 222 34.37 -21.02 20.33
CA LYS B 222 34.36 -20.05 21.43
C LYS B 222 34.38 -20.76 22.78
N GLU B 223 35.18 -20.25 23.71
CA GLU B 223 35.28 -20.86 25.04
C GLU B 223 34.08 -20.49 25.89
N ASP B 224 33.64 -19.24 25.76
CA ASP B 224 32.49 -18.74 26.50
C ASP B 224 31.18 -19.19 25.86
N ALA B 225 31.27 -20.12 24.92
CA ALA B 225 30.09 -20.66 24.23
C ALA B 225 29.21 -21.48 25.15
N ASN B 226 27.91 -21.20 25.11
CA ASN B 226 26.94 -21.92 25.93
C ASN B 226 26.84 -23.38 25.46
N GLN B 227 27.35 -24.30 26.26
CA GLN B 227 27.35 -25.71 25.88
C GLN B 227 25.97 -26.33 25.66
N VAL B 228 25.00 -25.93 26.48
CA VAL B 228 23.64 -26.46 26.35
C VAL B 228 23.06 -26.08 24.99
N LEU B 229 23.20 -24.81 24.63
CA LEU B 229 22.70 -24.30 23.37
C LEU B 229 23.47 -24.95 22.20
N LEU B 230 24.77 -25.11 22.37
CA LEU B 230 25.63 -25.71 21.34
C LEU B 230 25.17 -27.12 20.99
N GLU B 231 25.03 -27.95 22.02
CA GLU B 231 24.64 -29.33 21.82
C GLU B 231 23.28 -29.40 21.16
N LEU B 232 22.36 -28.54 21.59
CA LEU B 232 21.01 -28.52 21.01
C LEU B 232 21.11 -28.20 19.51
N ALA B 233 21.85 -27.16 19.18
CA ALA B 233 22.04 -26.74 17.80
C ALA B 233 22.47 -27.92 16.94
N ILE B 234 23.50 -28.63 17.39
CA ILE B 234 24.00 -29.77 16.65
C ILE B 234 22.91 -30.84 16.55
N LEU B 235 22.38 -31.26 17.69
CA LEU B 235 21.33 -32.26 17.67
C LEU B 235 20.26 -31.91 16.67
N ASP B 236 19.68 -30.73 16.85
CA ASP B 236 18.62 -30.24 15.98
C ASP B 236 19.05 -30.11 14.52
N TYR B 237 20.30 -29.73 14.27
CA TYR B 237 20.72 -29.62 12.89
C TYR B 237 20.82 -31.00 12.25
N ASN B 238 21.46 -31.93 12.93
CA ASN B 238 21.60 -33.27 12.35
C ASN B 238 20.26 -33.97 12.21
N MET B 239 19.36 -33.70 13.14
CA MET B 239 18.04 -34.30 13.08
C MET B 239 17.27 -33.84 11.85
N ILE B 240 17.25 -32.53 11.61
CA ILE B 240 16.54 -31.96 10.45
C ILE B 240 17.18 -32.47 9.16
N GLN B 241 18.50 -32.59 9.14
CA GLN B 241 19.21 -33.06 7.96
C GLN B 241 18.83 -34.51 7.63
N SER B 242 18.47 -35.29 8.64
CA SER B 242 18.08 -36.69 8.43
C SER B 242 16.76 -36.70 7.67
N VAL B 243 15.92 -35.72 7.98
CA VAL B 243 14.64 -35.57 7.32
C VAL B 243 14.90 -35.25 5.85
N TYR B 244 15.84 -34.35 5.58
CA TYR B 244 16.09 -34.00 4.19
C TYR B 244 16.48 -35.24 3.41
N GLN B 245 17.31 -36.07 4.01
CA GLN B 245 17.79 -37.29 3.39
C GLN B 245 16.68 -38.28 3.07
N ARG B 246 15.71 -38.36 3.97
CA ARG B 246 14.59 -39.25 3.77
C ARG B 246 13.75 -38.68 2.63
N ASP B 247 13.70 -37.36 2.53
CA ASP B 247 12.92 -36.69 1.47
C ASP B 247 13.58 -36.95 0.12
N LEU B 248 14.88 -36.67 0.08
CA LEU B 248 15.68 -36.83 -1.10
C LEU B 248 15.68 -38.28 -1.58
N ARG B 249 15.67 -39.19 -0.61
CA ARG B 249 15.69 -40.61 -0.91
C ARG B 249 14.43 -41.00 -1.70
N GLU B 250 13.30 -40.40 -1.35
CA GLU B 250 12.05 -40.68 -2.04
C GLU B 250 12.01 -39.93 -3.36
N THR B 251 12.44 -38.68 -3.32
CA THR B 251 12.43 -37.87 -4.52
C THR B 251 13.36 -38.53 -5.55
N SER B 252 14.41 -39.20 -5.08
CA SER B 252 15.32 -39.86 -6.00
C SER B 252 14.64 -41.02 -6.72
N ARG B 253 13.94 -41.87 -5.96
CA ARG B 253 13.23 -42.99 -6.55
C ARG B 253 12.30 -42.50 -7.65
N TRP B 254 11.71 -41.34 -7.45
CA TRP B 254 10.83 -40.76 -8.47
C TRP B 254 11.63 -40.41 -9.70
N TRP B 255 12.71 -39.66 -9.49
CA TRP B 255 13.58 -39.23 -10.58
C TRP B 255 14.08 -40.39 -11.43
N ARG B 256 14.51 -41.47 -10.78
CA ARG B 256 15.01 -42.64 -11.51
C ARG B 256 13.90 -43.38 -12.24
N ARG B 257 12.73 -43.45 -11.61
CA ARG B 257 11.60 -44.12 -12.22
C ARG B 257 11.32 -43.42 -13.55
N VAL B 258 11.30 -42.09 -13.52
CA VAL B 258 11.04 -41.32 -14.74
C VAL B 258 12.16 -41.57 -15.75
N GLY B 259 13.40 -41.58 -15.28
CA GLY B 259 14.54 -41.81 -16.15
C GLY B 259 14.58 -40.91 -17.37
N LEU B 260 13.86 -39.79 -17.29
CA LEU B 260 13.80 -38.82 -18.37
C LEU B 260 15.20 -38.27 -18.63
N ALA B 261 16.02 -38.25 -17.58
CA ALA B 261 17.38 -37.75 -17.70
C ALA B 261 18.26 -38.69 -18.51
N THR B 262 18.15 -39.99 -18.25
CA THR B 262 18.96 -40.97 -18.97
C THR B 262 18.47 -41.18 -20.39
N LYS B 263 17.23 -40.81 -20.67
CA LYS B 263 16.69 -40.98 -22.02
C LYS B 263 17.04 -39.82 -22.93
N LEU B 264 17.18 -38.63 -22.38
CA LEU B 264 17.55 -37.48 -23.20
C LEU B 264 19.04 -37.35 -23.12
N HIS B 265 19.69 -37.51 -24.27
CA HIS B 265 21.13 -37.44 -24.34
C HIS B 265 21.67 -36.03 -24.10
N PHE B 266 20.79 -35.04 -24.17
CA PHE B 266 21.22 -33.65 -23.96
C PHE B 266 20.83 -33.15 -22.57
N ALA B 267 19.83 -33.78 -21.98
CA ALA B 267 19.35 -33.39 -20.67
C ALA B 267 20.41 -33.59 -19.59
N ARG B 268 20.49 -32.62 -18.69
CA ARG B 268 21.44 -32.66 -17.59
C ARG B 268 20.69 -33.02 -16.31
N ASP B 269 21.30 -33.90 -15.53
CA ASP B 269 20.71 -34.37 -14.28
C ASP B 269 21.11 -33.46 -13.12
N ARG B 270 20.18 -32.62 -12.70
N ARG B 270 20.18 -32.62 -12.69
CA ARG B 270 20.41 -31.68 -11.61
CA ARG B 270 20.44 -31.70 -11.59
C ARG B 270 19.48 -31.97 -10.44
C ARG B 270 19.50 -31.97 -10.42
N LEU B 271 19.17 -33.25 -10.22
CA LEU B 271 18.27 -33.65 -9.15
C LEU B 271 18.73 -33.28 -7.75
N ILE B 272 20.01 -33.47 -7.46
CA ILE B 272 20.55 -33.15 -6.14
C ILE B 272 20.57 -31.64 -5.90
N GLU B 273 20.90 -30.89 -6.94
N GLU B 273 20.90 -30.88 -6.94
CA GLU B 273 20.95 -29.45 -6.84
CA GLU B 273 20.94 -29.43 -6.81
C GLU B 273 19.53 -28.91 -6.67
C GLU B 273 19.52 -28.90 -6.66
N SER B 274 18.57 -29.59 -7.28
CA SER B 274 17.17 -29.18 -7.19
C SER B 274 16.69 -29.30 -5.75
N PHE B 275 17.30 -30.20 -5.00
CA PHE B 275 16.90 -30.39 -3.61
C PHE B 275 17.60 -29.42 -2.67
N TYR B 276 18.86 -29.11 -2.99
CA TYR B 276 19.66 -28.17 -2.21
C TYR B 276 18.96 -26.81 -2.33
N TRP B 277 18.41 -26.56 -3.51
CA TRP B 277 17.69 -25.34 -3.80
C TRP B 277 16.39 -25.34 -3.00
N ALA B 278 15.63 -26.41 -3.13
CA ALA B 278 14.36 -26.54 -2.42
C ALA B 278 14.56 -26.30 -0.92
N VAL B 279 15.65 -26.80 -0.34
CA VAL B 279 15.89 -26.60 1.08
C VAL B 279 16.01 -25.11 1.42
N GLY B 280 16.56 -24.34 0.49
CA GLY B 280 16.69 -22.92 0.74
C GLY B 280 15.32 -22.29 0.87
N VAL B 281 14.40 -22.73 0.01
CA VAL B 281 13.05 -22.20 0.01
C VAL B 281 12.18 -22.66 1.18
N ALA B 282 12.41 -23.85 1.68
CA ALA B 282 11.62 -24.35 2.81
C ALA B 282 12.45 -25.30 3.67
N PHE B 283 13.19 -24.75 4.62
CA PHE B 283 14.05 -25.56 5.48
C PHE B 283 13.29 -26.26 6.61
N GLU B 284 12.23 -25.65 7.10
CA GLU B 284 11.46 -26.24 8.21
C GLU B 284 11.05 -27.68 7.91
N PRO B 285 11.37 -28.60 8.84
CA PRO B 285 11.07 -30.03 8.75
C PRO B 285 9.69 -30.45 8.25
N GLN B 286 8.64 -29.82 8.76
CA GLN B 286 7.29 -30.18 8.33
C GLN B 286 7.03 -29.90 6.84
N TYR B 287 7.90 -29.14 6.18
CA TYR B 287 7.68 -28.81 4.77
C TYR B 287 8.26 -29.77 3.75
N SER B 288 8.13 -31.07 3.99
CA SER B 288 8.67 -32.03 3.03
C SER B 288 7.94 -31.92 1.69
N ASP B 289 6.62 -31.84 1.72
CA ASP B 289 5.89 -31.74 0.46
C ASP B 289 6.35 -30.56 -0.36
N CYS B 290 6.49 -29.41 0.29
CA CYS B 290 6.92 -28.21 -0.43
C CYS B 290 8.30 -28.43 -1.04
N ARG B 291 9.16 -29.04 -0.23
CA ARG B 291 10.52 -29.33 -0.65
C ARG B 291 10.51 -30.25 -1.87
N ASN B 292 9.61 -31.22 -1.89
CA ASN B 292 9.53 -32.12 -3.03
C ASN B 292 9.01 -31.42 -4.26
N SER B 293 7.92 -30.69 -4.14
CA SER B 293 7.33 -29.99 -5.28
C SER B 293 8.31 -29.03 -5.93
N VAL B 294 9.08 -28.32 -5.12
CA VAL B 294 10.03 -27.38 -5.67
C VAL B 294 11.16 -28.15 -6.33
N ALA B 295 11.50 -29.30 -5.76
CA ALA B 295 12.56 -30.12 -6.29
C ALA B 295 12.18 -30.65 -7.67
N LYS B 296 11.02 -31.30 -7.75
CA LYS B 296 10.54 -31.86 -9.01
C LYS B 296 10.39 -30.77 -10.06
N MET B 297 9.88 -29.62 -9.62
CA MET B 297 9.69 -28.51 -10.52
C MET B 297 11.02 -28.01 -11.06
N PHE B 298 11.93 -27.65 -10.16
CA PHE B 298 13.24 -27.15 -10.56
C PHE B 298 13.90 -28.13 -11.52
N SER B 299 13.72 -29.42 -11.25
CA SER B 299 14.30 -30.47 -12.11
C SER B 299 13.73 -30.39 -13.53
N PHE B 300 12.40 -30.26 -13.61
CA PHE B 300 11.74 -30.18 -14.90
C PHE B 300 12.07 -28.92 -15.66
N VAL B 301 12.33 -27.82 -14.93
CA VAL B 301 12.66 -26.56 -15.56
C VAL B 301 14.00 -26.73 -16.23
N THR B 302 14.96 -27.24 -15.47
CA THR B 302 16.30 -27.45 -15.99
C THR B 302 16.22 -28.13 -17.34
N ILE B 303 15.42 -29.18 -17.43
CA ILE B 303 15.27 -29.93 -18.67
C ILE B 303 14.59 -29.12 -19.77
N ILE B 304 13.32 -28.80 -19.56
CA ILE B 304 12.56 -28.03 -20.51
C ILE B 304 13.30 -26.73 -20.83
N ASP B 305 13.99 -26.15 -19.86
CA ASP B 305 14.73 -24.92 -20.14
C ASP B 305 15.75 -25.18 -21.26
N ASP B 306 16.51 -26.28 -21.16
CA ASP B 306 17.49 -26.63 -22.18
C ASP B 306 16.86 -26.90 -23.55
N ILE B 307 15.64 -27.43 -23.55
CA ILE B 307 14.98 -27.73 -24.80
C ILE B 307 14.64 -26.46 -25.54
N TYR B 308 14.36 -25.41 -24.79
CA TYR B 308 14.01 -24.15 -25.41
C TYR B 308 15.18 -23.31 -25.88
N ASP B 309 16.33 -23.39 -25.21
CA ASP B 309 17.41 -22.54 -25.67
C ASP B 309 18.61 -23.17 -26.34
N VAL B 310 18.58 -24.48 -26.55
CA VAL B 310 19.71 -25.11 -27.21
C VAL B 310 19.37 -26.32 -28.06
N TYR B 311 18.33 -27.06 -27.67
CA TYR B 311 18.01 -28.26 -28.41
C TYR B 311 16.90 -28.20 -29.46
N GLY B 312 15.72 -27.73 -29.06
CA GLY B 312 14.62 -27.69 -30.00
C GLY B 312 14.55 -26.51 -30.95
N THR B 313 14.00 -26.77 -32.13
CA THR B 313 13.82 -25.75 -33.15
C THR B 313 12.51 -25.05 -32.87
N LEU B 314 12.38 -23.82 -33.35
CA LEU B 314 11.16 -23.06 -33.13
C LEU B 314 9.87 -23.82 -33.41
N ASP B 315 9.86 -24.61 -34.49
CA ASP B 315 8.65 -25.37 -34.83
C ASP B 315 8.34 -26.39 -33.76
N GLU B 316 9.39 -26.97 -33.18
CA GLU B 316 9.23 -27.96 -32.12
C GLU B 316 8.79 -27.25 -30.85
N LEU B 317 9.45 -26.13 -30.57
CA LEU B 317 9.13 -25.35 -29.38
C LEU B 317 7.67 -24.94 -29.43
N GLU B 318 7.23 -24.52 -30.61
CA GLU B 318 5.84 -24.10 -30.76
C GLU B 318 4.89 -25.25 -30.41
N LEU B 319 5.20 -26.45 -30.89
CA LEU B 319 4.37 -27.62 -30.61
C LEU B 319 4.31 -27.95 -29.12
N PHE B 320 5.47 -27.85 -28.46
CA PHE B 320 5.56 -28.14 -27.04
C PHE B 320 4.74 -27.09 -26.28
N THR B 321 4.95 -25.82 -26.61
CA THR B 321 4.24 -24.73 -25.95
C THR B 321 2.73 -24.97 -26.03
N ASP B 322 2.25 -25.30 -27.22
CA ASP B 322 0.84 -25.52 -27.38
C ASP B 322 0.34 -26.78 -26.66
N ALA B 323 1.21 -27.79 -26.55
CA ALA B 323 0.84 -29.02 -25.87
C ALA B 323 0.62 -28.74 -24.38
N VAL B 324 1.48 -27.92 -23.80
CA VAL B 324 1.34 -27.60 -22.39
C VAL B 324 0.10 -26.74 -22.19
N GLU B 325 -0.20 -25.90 -23.16
CA GLU B 325 -1.37 -25.05 -23.03
C GLU B 325 -2.66 -25.85 -23.06
N ARG B 326 -2.79 -26.76 -24.04
CA ARG B 326 -4.00 -27.57 -24.15
C ARG B 326 -4.14 -28.62 -23.05
N TRP B 327 -3.00 -29.04 -22.50
CA TRP B 327 -2.95 -30.04 -21.44
C TRP B 327 -3.79 -31.28 -21.77
N ASP B 328 -3.61 -31.78 -23.00
CA ASP B 328 -4.35 -32.95 -23.47
C ASP B 328 -3.42 -34.12 -23.75
N VAL B 329 -3.49 -35.14 -22.90
CA VAL B 329 -2.66 -36.32 -23.09
C VAL B 329 -2.91 -37.03 -24.42
N ASN B 330 -4.17 -37.08 -24.83
CA ASN B 330 -4.56 -37.74 -26.08
C ASN B 330 -3.93 -37.10 -27.31
N ALA B 331 -3.03 -36.15 -27.10
CA ALA B 331 -2.40 -35.47 -28.22
C ALA B 331 -0.92 -35.23 -28.01
N ILE B 332 -0.20 -36.28 -27.61
CA ILE B 332 1.23 -36.18 -27.38
C ILE B 332 1.91 -36.78 -28.60
N ASN B 333 1.11 -37.37 -29.48
CA ASN B 333 1.66 -37.98 -30.68
C ASN B 333 2.02 -36.97 -31.74
N ASP B 334 1.58 -35.74 -31.52
CA ASP B 334 1.88 -34.68 -32.46
C ASP B 334 3.26 -34.12 -32.17
N LEU B 335 3.82 -34.52 -31.05
CA LEU B 335 5.13 -34.06 -30.62
C LEU B 335 6.24 -35.04 -30.96
N PRO B 336 7.45 -34.52 -31.27
CA PRO B 336 8.58 -35.39 -31.60
C PRO B 336 8.92 -36.26 -30.42
N ASP B 337 9.46 -37.45 -30.70
CA ASP B 337 9.81 -38.42 -29.67
C ASP B 337 10.41 -37.87 -28.38
N TYR B 338 11.50 -37.11 -28.48
CA TYR B 338 12.10 -36.62 -27.26
C TYR B 338 11.15 -35.76 -26.42
N MET B 339 10.34 -34.95 -27.09
CA MET B 339 9.38 -34.10 -26.38
C MET B 339 8.19 -34.89 -25.84
N LYS B 340 7.81 -35.95 -26.54
CA LYS B 340 6.69 -36.77 -26.11
C LYS B 340 6.99 -37.33 -24.72
N LEU B 341 8.12 -37.98 -24.59
CA LEU B 341 8.56 -38.58 -23.34
C LEU B 341 8.65 -37.53 -22.23
N CYS B 342 9.16 -36.37 -22.59
CA CYS B 342 9.33 -35.28 -21.65
C CYS B 342 7.98 -34.73 -21.21
N PHE B 343 7.11 -34.46 -22.17
CA PHE B 343 5.80 -33.93 -21.86
C PHE B 343 4.96 -34.87 -20.99
N LEU B 344 4.94 -36.17 -21.32
CA LEU B 344 4.14 -37.10 -20.53
C LEU B 344 4.59 -37.12 -19.06
N ALA B 345 5.91 -37.09 -18.85
CA ALA B 345 6.47 -37.08 -17.50
C ALA B 345 6.01 -35.84 -16.73
N LEU B 346 6.03 -34.67 -17.39
CA LEU B 346 5.62 -33.43 -16.75
C LEU B 346 4.15 -33.58 -16.37
N TYR B 347 3.34 -33.90 -17.38
CA TYR B 347 1.89 -34.11 -17.28
C TYR B 347 1.49 -34.97 -16.07
N ASN B 348 2.17 -36.10 -15.91
CA ASN B 348 1.87 -37.00 -14.82
C ASN B 348 2.22 -36.40 -13.47
N THR B 349 3.41 -35.85 -13.39
CA THR B 349 3.90 -35.22 -12.17
C THR B 349 2.94 -34.13 -11.72
N ILE B 350 2.55 -33.27 -12.65
CA ILE B 350 1.63 -32.19 -12.31
C ILE B 350 0.27 -32.78 -11.90
N ASN B 351 -0.28 -33.67 -12.71
CA ASN B 351 -1.57 -34.26 -12.37
C ASN B 351 -1.51 -34.97 -11.03
N GLU B 352 -0.32 -35.46 -10.70
CA GLU B 352 -0.14 -36.15 -9.44
C GLU B 352 -0.26 -35.16 -8.27
N ILE B 353 0.37 -34.01 -8.41
CA ILE B 353 0.33 -33.01 -7.36
C ILE B 353 -1.11 -32.55 -7.19
N ALA B 354 -1.79 -32.36 -8.31
CA ALA B 354 -3.20 -31.96 -8.30
C ALA B 354 -4.02 -32.98 -7.51
N TYR B 355 -3.70 -34.25 -7.70
CA TYR B 355 -4.42 -35.30 -7.00
C TYR B 355 -4.19 -35.20 -5.51
N ASP B 356 -2.96 -34.90 -5.08
CA ASP B 356 -2.69 -34.78 -3.66
C ASP B 356 -3.49 -33.63 -3.06
N ASN B 357 -3.64 -32.54 -3.79
CA ASN B 357 -4.38 -31.41 -3.28
C ASN B 357 -5.88 -31.69 -3.25
N LEU B 358 -6.32 -32.53 -4.17
CA LEU B 358 -7.73 -32.88 -4.25
C LEU B 358 -8.04 -33.84 -3.09
N LYS B 359 -7.11 -34.72 -2.78
CA LYS B 359 -7.30 -35.68 -1.72
C LYS B 359 -7.18 -35.08 -0.31
N ASP B 360 -6.19 -34.22 -0.12
CA ASP B 360 -5.96 -33.61 1.19
C ASP B 360 -6.76 -32.36 1.47
N LYS B 361 -6.76 -31.44 0.52
CA LYS B 361 -7.49 -30.20 0.68
C LYS B 361 -8.89 -30.29 0.10
N GLY B 362 -9.12 -31.29 -0.75
CA GLY B 362 -10.43 -31.43 -1.34
C GLY B 362 -10.74 -30.26 -2.26
N GLU B 363 -9.76 -29.88 -3.07
CA GLU B 363 -9.95 -28.79 -4.01
C GLU B 363 -9.21 -29.13 -5.29
N ASN B 364 -9.78 -28.74 -6.43
CA ASN B 364 -9.13 -29.01 -7.71
C ASN B 364 -8.29 -27.80 -8.08
N ILE B 365 -6.98 -27.89 -7.92
CA ILE B 365 -6.10 -26.77 -8.24
C ILE B 365 -5.36 -26.96 -9.56
N LEU B 366 -5.65 -28.05 -10.26
CA LEU B 366 -4.97 -28.33 -11.51
C LEU B 366 -4.87 -27.16 -12.49
N PRO B 367 -5.95 -26.37 -12.66
CA PRO B 367 -5.92 -25.23 -13.58
C PRO B 367 -4.81 -24.20 -13.30
N TYR B 368 -4.54 -23.96 -12.03
CA TYR B 368 -3.53 -22.99 -11.61
C TYR B 368 -2.15 -23.53 -11.89
N LEU B 369 -1.94 -24.80 -11.62
CA LEU B 369 -0.65 -25.40 -11.86
C LEU B 369 -0.35 -25.42 -13.37
N THR B 370 -1.29 -25.88 -14.19
CA THR B 370 -1.04 -25.94 -15.62
C THR B 370 -0.84 -24.59 -16.28
N LYS B 371 -1.54 -23.58 -15.78
CA LYS B 371 -1.44 -22.22 -16.32
C LYS B 371 -0.02 -21.74 -16.07
N ALA B 372 0.46 -22.03 -14.87
CA ALA B 372 1.79 -21.65 -14.45
C ALA B 372 2.78 -22.17 -15.47
N TRP B 373 2.62 -23.45 -15.81
CA TRP B 373 3.51 -24.06 -16.76
C TRP B 373 3.37 -23.50 -18.17
N ALA B 374 2.14 -23.17 -18.55
CA ALA B 374 1.90 -22.60 -19.87
C ALA B 374 2.61 -21.25 -19.99
N ASP B 375 2.54 -20.49 -18.91
CA ASP B 375 3.16 -19.19 -18.87
C ASP B 375 4.68 -19.28 -18.96
N LEU B 376 5.24 -20.26 -18.26
CA LEU B 376 6.68 -20.43 -18.28
C LEU B 376 7.16 -20.81 -19.65
N CYS B 377 6.47 -21.75 -20.28
CA CYS B 377 6.86 -22.17 -21.60
C CYS B 377 6.75 -21.01 -22.60
N ASN B 378 5.72 -20.19 -22.46
CA ASN B 378 5.57 -19.05 -23.37
C ASN B 378 6.69 -18.04 -23.20
N ALA B 379 7.18 -17.90 -21.98
CA ALA B 379 8.30 -16.99 -21.70
C ALA B 379 9.51 -17.60 -22.38
N PHE B 380 9.65 -18.93 -22.21
CA PHE B 380 10.77 -19.65 -22.81
C PHE B 380 10.71 -19.49 -24.33
N LEU B 381 9.51 -19.62 -24.88
CA LEU B 381 9.30 -19.48 -26.31
C LEU B 381 9.69 -18.08 -26.76
N GLN B 382 9.27 -17.07 -25.99
CA GLN B 382 9.57 -15.69 -26.32
C GLN B 382 11.08 -15.51 -26.43
N GLU B 383 11.80 -16.04 -25.45
CA GLU B 383 13.25 -15.92 -25.41
C GLU B 383 13.86 -16.65 -26.59
N ALA B 384 13.28 -17.79 -26.95
CA ALA B 384 13.79 -18.59 -28.06
C ALA B 384 13.65 -17.81 -29.36
N LYS B 385 12.52 -17.12 -29.51
CA LYS B 385 12.28 -16.34 -30.70
C LYS B 385 13.18 -15.12 -30.78
N TRP B 386 13.30 -14.38 -29.68
CA TRP B 386 14.15 -13.20 -29.68
C TRP B 386 15.56 -13.56 -30.13
N LEU B 387 16.01 -14.73 -29.69
CA LEU B 387 17.35 -15.23 -30.03
C LEU B 387 17.45 -15.53 -31.53
N TYR B 388 16.49 -16.28 -32.05
CA TYR B 388 16.48 -16.66 -33.46
C TYR B 388 16.45 -15.44 -34.37
N ASN B 389 15.44 -14.59 -34.18
CA ASN B 389 15.29 -13.38 -34.98
C ASN B 389 16.28 -12.29 -34.59
N LYS B 390 17.15 -12.60 -33.64
CA LYS B 390 18.15 -11.66 -33.16
C LYS B 390 17.51 -10.32 -32.79
N SER B 391 16.31 -10.37 -32.23
CA SER B 391 15.60 -9.16 -31.84
C SER B 391 16.38 -8.38 -30.78
N THR B 392 15.92 -7.17 -30.46
CA THR B 392 16.57 -6.34 -29.43
C THR B 392 15.52 -5.66 -28.57
N PRO B 393 14.86 -6.43 -27.69
CA PRO B 393 13.82 -5.90 -26.80
C PRO B 393 14.34 -4.89 -25.78
N THR B 394 13.44 -4.08 -25.26
CA THR B 394 13.79 -3.08 -24.27
C THR B 394 14.02 -3.79 -22.95
N PHE B 395 15.00 -3.32 -22.19
CA PHE B 395 15.28 -3.93 -20.91
C PHE B 395 13.98 -4.21 -20.15
N ASP B 396 13.02 -3.31 -20.26
CA ASP B 396 11.76 -3.49 -19.57
C ASP B 396 11.01 -4.67 -20.14
N ASP B 397 11.04 -4.80 -21.46
CA ASP B 397 10.33 -5.92 -22.10
C ASP B 397 11.03 -7.25 -21.87
N TYR B 398 12.35 -7.23 -21.96
CA TYR B 398 13.16 -8.41 -21.77
C TYR B 398 13.08 -8.88 -20.33
N PHE B 399 13.42 -7.99 -19.41
CA PHE B 399 13.41 -8.33 -18.01
C PHE B 399 12.03 -8.77 -17.55
N GLY B 400 11.00 -8.18 -18.15
CA GLY B 400 9.65 -8.57 -17.77
C GLY B 400 9.41 -10.04 -18.08
N ASN B 401 9.97 -10.49 -19.19
CA ASN B 401 9.83 -11.88 -19.60
C ASN B 401 10.82 -12.76 -18.83
N ALA B 402 12.04 -12.27 -18.69
CA ALA B 402 13.11 -12.99 -18.02
C ALA B 402 12.83 -13.43 -16.57
N TRP B 403 12.14 -12.63 -15.77
CA TRP B 403 11.88 -13.08 -14.41
C TRP B 403 10.76 -14.11 -14.39
N LYS B 404 10.02 -14.23 -15.48
CA LYS B 404 8.98 -15.24 -15.51
C LYS B 404 9.63 -16.53 -15.99
N SER B 405 10.53 -16.39 -16.96
CA SER B 405 11.23 -17.55 -17.52
C SER B 405 12.25 -18.09 -16.52
N SER B 406 12.41 -17.41 -15.40
CA SER B 406 13.35 -17.88 -14.39
C SER B 406 12.71 -19.10 -13.70
N SER B 407 11.37 -19.12 -13.71
CA SER B 407 10.53 -20.15 -13.10
C SER B 407 10.31 -19.84 -11.62
N GLY B 408 10.81 -18.68 -11.20
CA GLY B 408 10.65 -18.27 -9.81
C GLY B 408 9.17 -18.24 -9.40
N PRO B 409 8.32 -17.55 -10.18
CA PRO B 409 6.92 -17.53 -9.80
C PRO B 409 6.26 -18.89 -9.90
N LEU B 410 6.64 -19.68 -10.88
CA LEU B 410 6.06 -21.02 -11.02
C LEU B 410 6.41 -21.80 -9.76
N GLN B 411 7.66 -21.72 -9.32
CA GLN B 411 8.01 -22.44 -8.10
C GLN B 411 7.25 -21.99 -6.89
N LEU B 412 7.20 -20.68 -6.67
CA LEU B 412 6.50 -20.16 -5.50
C LEU B 412 4.99 -20.49 -5.54
N ILE B 413 4.43 -20.52 -6.74
CA ILE B 413 3.02 -20.86 -6.92
C ILE B 413 2.81 -22.33 -6.51
N PHE B 414 3.79 -23.17 -6.83
CA PHE B 414 3.68 -24.57 -6.45
C PHE B 414 3.91 -24.69 -4.96
N ALA B 415 4.87 -23.91 -4.45
CA ALA B 415 5.17 -23.94 -3.02
C ALA B 415 3.96 -23.50 -2.20
N TYR B 416 3.19 -22.56 -2.73
CA TYR B 416 2.00 -22.05 -2.05
C TYR B 416 1.09 -23.17 -1.56
N PHE B 417 0.66 -24.02 -2.48
CA PHE B 417 -0.22 -25.14 -2.17
C PHE B 417 0.39 -26.17 -1.22
N ALA B 418 1.72 -26.15 -1.09
CA ALA B 418 2.40 -27.08 -0.20
C ALA B 418 2.74 -26.45 1.14
N VAL B 419 2.55 -25.13 1.24
CA VAL B 419 2.86 -24.44 2.49
C VAL B 419 1.61 -24.05 3.27
N VAL B 420 0.59 -23.53 2.60
CA VAL B 420 -0.64 -23.14 3.27
C VAL B 420 -1.58 -24.34 3.46
N GLN B 421 -2.31 -24.35 4.56
CA GLN B 421 -3.24 -25.44 4.84
C GLN B 421 -4.60 -25.20 4.20
N ASN B 422 -4.97 -23.92 4.13
CA ASN B 422 -6.25 -23.53 3.57
C ASN B 422 -6.06 -22.50 2.47
N ILE B 423 -6.29 -22.91 1.23
CA ILE B 423 -6.14 -22.00 0.12
C ILE B 423 -7.30 -21.02 0.11
N LYS B 424 -7.07 -19.85 -0.47
CA LYS B 424 -8.12 -18.84 -0.53
C LYS B 424 -8.24 -18.33 -1.95
N LYS B 425 -9.45 -18.35 -2.49
CA LYS B 425 -9.67 -17.89 -3.85
C LYS B 425 -8.99 -16.55 -4.11
N GLU B 426 -8.98 -15.67 -3.10
CA GLU B 426 -8.38 -14.36 -3.26
C GLU B 426 -6.86 -14.42 -3.49
N GLU B 427 -6.18 -15.23 -2.68
CA GLU B 427 -4.73 -15.40 -2.76
C GLU B 427 -4.34 -16.00 -4.11
N ILE B 428 -5.00 -17.10 -4.47
CA ILE B 428 -4.71 -17.75 -5.72
C ILE B 428 -4.89 -16.79 -6.88
N GLU B 429 -5.94 -15.99 -6.86
CA GLU B 429 -6.18 -15.04 -7.95
C GLU B 429 -5.04 -14.02 -8.07
N ASN B 430 -4.36 -13.73 -6.96
CA ASN B 430 -3.25 -12.78 -6.99
C ASN B 430 -1.96 -13.43 -7.49
N LEU B 431 -1.70 -14.65 -7.02
CA LEU B 431 -0.52 -15.38 -7.46
C LEU B 431 -0.61 -15.54 -8.97
N GLN B 432 -1.81 -15.83 -9.45
CA GLN B 432 -2.06 -16.03 -10.87
C GLN B 432 -1.81 -14.75 -11.67
N LYS B 433 -1.96 -13.60 -11.02
CA LYS B 433 -1.73 -12.32 -11.67
C LYS B 433 -0.31 -11.88 -11.39
N TYR B 434 0.43 -12.72 -10.66
CA TYR B 434 1.83 -12.48 -10.31
C TYR B 434 2.02 -11.34 -9.29
N HIS B 435 1.29 -11.45 -8.19
CA HIS B 435 1.34 -10.50 -7.08
C HIS B 435 2.81 -10.29 -6.70
N ASP B 436 3.15 -9.10 -6.26
CA ASP B 436 4.53 -8.78 -5.87
C ASP B 436 5.14 -9.79 -4.92
N ILE B 437 4.32 -10.47 -4.15
CA ILE B 437 4.87 -11.41 -3.20
C ILE B 437 5.80 -12.42 -3.88
N ILE B 438 5.43 -12.86 -5.08
CA ILE B 438 6.26 -13.82 -5.78
C ILE B 438 7.03 -13.21 -6.95
N SER B 439 6.64 -12.03 -7.41
CA SER B 439 7.36 -11.42 -8.50
C SER B 439 8.68 -10.79 -8.03
N ARG B 440 8.61 -10.08 -6.91
N ARG B 440 8.63 -10.07 -6.91
CA ARG B 440 9.77 -9.41 -6.31
CA ARG B 440 9.84 -9.41 -6.40
C ARG B 440 10.95 -10.37 -6.11
C ARG B 440 10.98 -10.41 -6.15
N PRO B 441 10.71 -11.50 -5.43
CA PRO B 441 11.81 -12.44 -5.20
C PRO B 441 12.28 -13.02 -6.55
N SER B 442 11.36 -13.19 -7.49
CA SER B 442 11.76 -13.70 -8.79
C SER B 442 12.65 -12.70 -9.52
N HIS B 443 12.45 -11.41 -9.28
CA HIS B 443 13.27 -10.38 -9.91
C HIS B 443 14.70 -10.61 -9.48
N ILE B 444 14.87 -10.88 -8.19
CA ILE B 444 16.18 -11.12 -7.60
C ILE B 444 16.76 -12.39 -8.18
N PHE B 445 15.94 -13.43 -8.28
CA PHE B 445 16.36 -14.70 -8.84
C PHE B 445 16.98 -14.49 -10.23
N ARG B 446 16.26 -13.78 -11.10
CA ARG B 446 16.75 -13.52 -12.45
C ARG B 446 18.00 -12.65 -12.46
N LEU B 447 17.97 -11.55 -11.73
CA LEU B 447 19.10 -10.63 -11.66
C LEU B 447 20.40 -11.29 -11.20
N CYS B 448 20.29 -12.15 -10.19
CA CYS B 448 21.45 -12.87 -9.67
C CYS B 448 21.98 -13.84 -10.71
N ASN B 449 21.07 -14.58 -11.36
CA ASN B 449 21.41 -15.57 -12.39
C ASN B 449 22.19 -14.88 -13.53
N ASP B 450 21.57 -13.84 -14.09
CA ASP B 450 22.18 -13.10 -15.20
C ASP B 450 23.52 -12.45 -14.80
N LEU B 451 23.58 -11.90 -13.59
CA LEU B 451 24.81 -11.27 -13.13
C LEU B 451 25.97 -12.25 -13.08
N ALA B 452 25.68 -13.48 -12.66
CA ALA B 452 26.69 -14.51 -12.53
C ALA B 452 27.24 -14.99 -13.88
N SER B 453 26.55 -14.68 -14.96
CA SER B 453 26.99 -15.13 -16.27
C SER B 453 27.12 -13.99 -17.27
N ALA B 454 26.90 -12.78 -16.77
CA ALA B 454 26.96 -11.59 -17.62
C ALA B 454 28.29 -11.42 -18.34
N SER B 455 29.35 -11.12 -17.60
CA SER B 455 30.66 -10.92 -18.22
C SER B 455 31.01 -11.97 -19.27
N ALA B 456 30.88 -13.23 -18.89
CA ALA B 456 31.18 -14.33 -19.80
C ALA B 456 30.42 -14.24 -21.12
N GLU B 457 29.11 -14.08 -21.02
CA GLU B 457 28.24 -13.99 -22.19
C GLU B 457 28.46 -12.74 -23.04
N ILE B 458 28.64 -11.60 -22.38
CA ILE B 458 28.86 -10.33 -23.07
C ILE B 458 30.11 -10.42 -23.92
N ALA B 459 31.15 -11.00 -23.34
CA ALA B 459 32.44 -11.17 -24.01
C ALA B 459 32.26 -12.02 -25.26
N ARG B 460 31.37 -13.00 -25.18
CA ARG B 460 31.08 -13.89 -26.30
C ARG B 460 30.13 -13.24 -27.28
N GLY B 461 29.83 -11.96 -27.06
CA GLY B 461 28.92 -11.24 -27.94
C GLY B 461 27.50 -11.74 -27.84
N GLU B 462 26.85 -11.50 -26.71
CA GLU B 462 25.47 -11.94 -26.50
C GLU B 462 24.64 -10.90 -25.77
N THR B 463 23.44 -10.65 -26.29
CA THR B 463 22.54 -9.67 -25.67
C THR B 463 21.38 -10.33 -24.94
N ALA B 464 21.42 -11.65 -24.79
CA ALA B 464 20.37 -12.40 -24.12
C ALA B 464 20.59 -12.42 -22.61
N ASN B 465 21.03 -11.28 -22.09
CA ASN B 465 21.31 -11.15 -20.67
C ASN B 465 20.72 -9.84 -20.16
N SER B 466 20.22 -9.86 -18.93
CA SER B 466 19.62 -8.66 -18.37
C SER B 466 20.59 -7.49 -18.29
N VAL B 467 21.87 -7.80 -18.10
CA VAL B 467 22.87 -6.73 -18.00
C VAL B 467 23.12 -6.04 -19.34
N SER B 468 23.49 -6.81 -20.35
CA SER B 468 23.77 -6.26 -21.66
C SER B 468 22.52 -5.59 -22.23
N CYS B 469 21.39 -6.21 -21.94
CA CYS B 469 20.10 -5.74 -22.42
C CYS B 469 19.72 -4.43 -21.73
N TYR B 470 20.49 -4.07 -20.72
CA TYR B 470 20.28 -2.86 -19.95
C TYR B 470 21.25 -1.80 -20.46
N MET B 471 22.51 -2.19 -20.57
CA MET B 471 23.55 -1.29 -21.05
C MET B 471 23.41 -1.04 -22.54
N ARG B 472 22.24 -1.36 -23.07
CA ARG B 472 21.95 -1.14 -24.48
C ARG B 472 20.83 -0.14 -24.57
N THR B 473 19.85 -0.29 -23.69
CA THR B 473 18.72 0.61 -23.65
C THR B 473 19.12 1.90 -22.93
N LYS B 474 20.27 1.87 -22.26
CA LYS B 474 20.80 3.04 -21.54
C LYS B 474 22.06 3.57 -22.23
N GLY B 475 22.70 2.71 -23.01
CA GLY B 475 23.91 3.08 -23.72
C GLY B 475 25.04 3.34 -22.76
N ILE B 476 25.13 2.53 -21.71
CA ILE B 476 26.17 2.70 -20.71
C ILE B 476 27.17 1.55 -20.74
N SER B 477 28.22 1.66 -19.93
CA SER B 477 29.24 0.63 -19.88
C SER B 477 28.76 -0.56 -19.06
N GLU B 478 29.50 -1.65 -19.09
CA GLU B 478 29.11 -2.83 -18.33
C GLU B 478 29.22 -2.48 -16.86
N GLU B 479 30.25 -1.73 -16.49
CA GLU B 479 30.42 -1.33 -15.10
C GLU B 479 29.18 -0.64 -14.58
N LEU B 480 28.67 0.34 -15.32
CA LEU B 480 27.49 1.08 -14.91
C LEU B 480 26.25 0.20 -14.96
N ALA B 481 26.21 -0.68 -15.94
CA ALA B 481 25.07 -1.57 -16.08
C ALA B 481 25.02 -2.51 -14.87
N THR B 482 26.15 -3.13 -14.55
CA THR B 482 26.21 -4.03 -13.41
C THR B 482 25.88 -3.29 -12.13
N GLU B 483 26.38 -2.06 -12.04
CA GLU B 483 26.13 -1.23 -10.87
C GLU B 483 24.64 -0.94 -10.75
N SER B 484 24.03 -0.45 -11.83
CA SER B 484 22.61 -0.14 -11.81
C SER B 484 21.81 -1.40 -11.48
N VAL B 485 22.19 -2.54 -12.05
CA VAL B 485 21.49 -3.79 -11.79
C VAL B 485 21.59 -4.20 -10.33
N MET B 486 22.74 -3.94 -9.72
CA MET B 486 22.95 -4.25 -8.32
C MET B 486 22.02 -3.42 -7.43
N ASN B 487 21.77 -2.17 -7.82
CA ASN B 487 20.91 -1.30 -7.05
C ASN B 487 19.46 -1.75 -7.16
N LEU B 488 19.13 -2.35 -8.30
CA LEU B 488 17.79 -2.83 -8.51
C LEU B 488 17.49 -3.97 -7.54
N ILE B 489 18.54 -4.72 -7.20
CA ILE B 489 18.41 -5.81 -6.27
C ILE B 489 18.13 -5.22 -4.89
N ASP B 490 18.84 -4.16 -4.54
CA ASP B 490 18.62 -3.51 -3.27
C ASP B 490 17.22 -2.93 -3.17
N GLU B 491 16.79 -2.26 -4.23
CA GLU B 491 15.46 -1.65 -4.28
C GLU B 491 14.40 -2.73 -4.06
N THR B 492 14.59 -3.88 -4.71
CA THR B 492 13.65 -4.99 -4.59
C THR B 492 13.63 -5.55 -3.16
N TRP B 493 14.80 -5.73 -2.55
CA TRP B 493 14.84 -6.23 -1.19
C TRP B 493 14.05 -5.30 -0.27
N LYS B 494 14.17 -4.00 -0.51
CA LYS B 494 13.45 -3.01 0.32
C LYS B 494 11.95 -3.14 0.15
N LYS B 495 11.53 -3.54 -1.04
CA LYS B 495 10.12 -3.70 -1.32
C LYS B 495 9.59 -4.98 -0.69
N MET B 496 10.43 -6.01 -0.65
CA MET B 496 10.00 -7.26 -0.05
C MET B 496 9.89 -7.08 1.45
N ASN B 497 10.87 -6.42 2.07
CA ASN B 497 10.83 -6.21 3.52
C ASN B 497 9.52 -5.53 3.94
N LYS B 498 8.99 -4.69 3.07
CA LYS B 498 7.76 -3.99 3.36
C LYS B 498 6.62 -5.01 3.40
N GLU B 499 6.56 -5.85 2.37
CA GLU B 499 5.52 -6.86 2.27
C GLU B 499 5.49 -7.75 3.52
N LYS B 500 6.67 -8.10 4.00
CA LYS B 500 6.77 -8.94 5.19
C LYS B 500 6.36 -8.17 6.45
N LEU B 501 6.55 -6.85 6.44
CA LEU B 501 6.20 -6.05 7.60
C LEU B 501 4.72 -5.80 7.86
N GLY B 502 3.91 -5.80 6.81
CA GLY B 502 2.50 -5.58 7.04
C GLY B 502 1.72 -5.22 5.81
N GLY B 503 0.41 -5.07 6.01
CA GLY B 503 -0.50 -4.72 4.94
C GLY B 503 -0.63 -5.83 3.92
N SER B 504 0.16 -6.89 4.10
CA SER B 504 0.13 -8.00 3.16
C SER B 504 -1.23 -8.70 3.17
N LEU B 505 -1.58 -9.31 2.04
CA LEU B 505 -2.82 -10.04 1.89
C LEU B 505 -2.55 -11.50 2.25
N PHE B 506 -1.34 -11.94 1.98
CA PHE B 506 -0.90 -13.32 2.24
C PHE B 506 -0.42 -13.49 3.69
N ALA B 507 -0.46 -14.73 4.16
CA ALA B 507 -0.02 -15.04 5.51
C ALA B 507 1.51 -14.85 5.57
N LYS B 508 2.02 -14.36 6.69
CA LYS B 508 3.47 -14.15 6.81
C LYS B 508 4.29 -15.40 6.50
N PRO B 509 3.86 -16.59 6.96
CA PRO B 509 4.59 -17.83 6.70
C PRO B 509 4.97 -17.99 5.23
N PHE B 510 3.99 -17.83 4.36
CA PHE B 510 4.23 -17.95 2.94
C PHE B 510 5.03 -16.78 2.35
N VAL B 511 4.86 -15.59 2.91
CA VAL B 511 5.59 -14.43 2.41
C VAL B 511 7.09 -14.69 2.63
N GLU B 512 7.43 -15.26 3.78
CA GLU B 512 8.81 -15.57 4.14
C GLU B 512 9.34 -16.61 3.16
N THR B 513 8.48 -17.56 2.84
CA THR B 513 8.86 -18.61 1.90
C THR B 513 9.21 -17.98 0.56
N ALA B 514 8.47 -16.94 0.18
CA ALA B 514 8.74 -16.27 -1.08
C ALA B 514 10.13 -15.63 -1.03
N ILE B 515 10.38 -14.88 0.04
CA ILE B 515 11.67 -14.21 0.23
C ILE B 515 12.79 -15.23 0.23
N ASN B 516 12.51 -16.41 0.79
CA ASN B 516 13.53 -17.43 0.80
C ASN B 516 14.06 -17.72 -0.60
N LEU B 517 13.21 -17.62 -1.61
CA LEU B 517 13.67 -17.89 -2.95
C LEU B 517 14.76 -16.89 -3.32
N ALA B 518 14.62 -15.67 -2.83
CA ALA B 518 15.60 -14.63 -3.11
C ALA B 518 16.89 -14.98 -2.36
N ARG B 519 16.75 -15.39 -1.10
CA ARG B 519 17.90 -15.76 -0.28
C ARG B 519 18.65 -16.92 -0.94
N GLN B 520 17.90 -17.87 -1.47
CA GLN B 520 18.51 -19.01 -2.14
C GLN B 520 19.23 -18.54 -3.39
N SER B 521 18.68 -17.55 -4.07
CA SER B 521 19.31 -17.01 -5.26
C SER B 521 20.68 -16.42 -4.92
N HIS B 522 20.77 -15.72 -3.81
CA HIS B 522 22.04 -15.13 -3.41
C HIS B 522 23.06 -16.20 -3.06
N CYS B 523 22.58 -17.29 -2.47
CA CYS B 523 23.45 -18.38 -2.03
C CYS B 523 23.88 -19.39 -3.09
N THR B 524 23.20 -19.44 -4.24
CA THR B 524 23.61 -20.39 -5.27
C THR B 524 24.35 -19.72 -6.41
N TYR B 525 24.10 -18.43 -6.61
CA TYR B 525 24.76 -17.69 -7.67
C TYR B 525 25.92 -16.87 -7.11
N HIS B 526 26.91 -17.55 -6.57
CA HIS B 526 28.08 -16.88 -6.00
C HIS B 526 29.24 -17.06 -6.96
N ASN B 527 30.41 -16.57 -6.56
CA ASN B 527 31.59 -16.72 -7.38
C ASN B 527 32.73 -17.21 -6.49
N GLY B 528 32.41 -18.19 -5.65
CA GLY B 528 33.39 -18.74 -4.74
C GLY B 528 33.89 -17.68 -3.78
N ASP B 529 35.19 -17.71 -3.49
CA ASP B 529 35.80 -16.74 -2.59
C ASP B 529 37.33 -16.70 -2.70
N ALA B 530 37.98 -16.07 -1.72
CA ALA B 530 39.43 -15.94 -1.69
C ALA B 530 40.16 -17.27 -1.55
N HIS B 531 39.44 -18.27 -1.04
CA HIS B 531 40.03 -19.58 -0.85
C HIS B 531 39.38 -20.62 -1.74
N THR B 532 38.12 -20.96 -1.43
CA THR B 532 37.38 -21.96 -2.18
C THR B 532 37.11 -21.53 -3.63
N SER B 533 36.77 -22.51 -4.47
CA SER B 533 36.47 -22.28 -5.89
C SER B 533 34.99 -22.19 -6.15
N PRO B 534 34.58 -21.45 -7.20
CA PRO B 534 33.15 -21.33 -7.51
C PRO B 534 32.40 -22.65 -7.45
N ASP B 535 32.77 -23.57 -8.34
CA ASP B 535 32.13 -24.89 -8.38
C ASP B 535 32.57 -25.77 -7.24
N GLU B 536 33.37 -25.21 -6.34
CA GLU B 536 33.84 -25.98 -5.21
C GLU B 536 33.05 -25.64 -3.97
N LEU B 537 32.74 -24.37 -3.80
CA LEU B 537 31.97 -23.92 -2.65
C LEU B 537 30.60 -24.55 -2.76
N THR B 538 30.10 -24.65 -3.98
CA THR B 538 28.79 -25.25 -4.19
C THR B 538 28.81 -26.71 -3.75
N ARG B 539 29.91 -27.38 -4.05
CA ARG B 539 30.08 -28.79 -3.71
C ARG B 539 30.09 -28.97 -2.18
N LYS B 540 30.92 -28.17 -1.50
CA LYS B 540 31.01 -28.22 -0.05
C LYS B 540 29.66 -27.98 0.62
N ARG B 541 28.98 -26.94 0.16
CA ARG B 541 27.69 -26.56 0.70
C ARG B 541 26.65 -27.66 0.60
N VAL B 542 26.57 -28.32 -0.56
CA VAL B 542 25.63 -29.40 -0.76
C VAL B 542 25.87 -30.52 0.25
N LEU B 543 27.13 -30.82 0.51
CA LEU B 543 27.45 -31.89 1.45
C LEU B 543 27.13 -31.45 2.88
N SER B 544 27.47 -30.22 3.22
CA SER B 544 27.22 -29.70 4.56
C SER B 544 25.74 -29.51 4.88
N VAL B 545 24.93 -29.26 3.85
CA VAL B 545 23.50 -29.06 4.07
C VAL B 545 22.68 -30.33 3.92
N ILE B 546 23.08 -31.21 3.03
CA ILE B 546 22.33 -32.44 2.81
C ILE B 546 22.99 -33.74 3.26
N THR B 547 24.22 -33.96 2.81
CA THR B 547 24.96 -35.19 3.09
C THR B 547 25.51 -35.40 4.50
N GLU B 548 26.67 -34.81 4.76
CA GLU B 548 27.36 -34.96 6.04
C GLU B 548 26.79 -34.21 7.23
N PRO B 549 26.56 -34.93 8.34
CA PRO B 549 26.03 -34.30 9.55
C PRO B 549 27.15 -33.54 10.24
N ILE B 550 26.78 -32.66 11.16
CA ILE B 550 27.76 -31.89 11.91
C ILE B 550 28.43 -32.82 12.92
N LEU B 551 29.73 -32.67 13.12
CA LEU B 551 30.44 -33.49 14.07
C LEU B 551 29.83 -33.35 15.46
N PRO B 552 29.65 -34.49 16.15
CA PRO B 552 29.07 -34.61 17.49
C PRO B 552 29.60 -33.65 18.54
N PHE B 553 28.71 -33.30 19.46
CA PHE B 553 29.01 -32.40 20.56
C PHE B 553 29.99 -33.09 21.51
N GLU B 554 31.12 -32.44 21.80
CA GLU B 554 32.11 -33.02 22.71
C GLU B 554 32.00 -32.52 24.16
#